data_4QXM
#
_entry.id   4QXM
#
_cell.length_a   84.359
_cell.length_b   83.627
_cell.length_c   86.037
_cell.angle_alpha   90.00
_cell.angle_beta   115.31
_cell.angle_gamma   90.00
#
_symmetry.space_group_name_H-M   'P 1 21 1'
#
loop_
_entity.id
_entity.type
_entity.pdbx_description
1 polymer 'Enoyl-[acyl-carrier-protein] reductase [NADH]'
2 non-polymer NICOTINAMIDE-ADENINE-DINUCLEOTIDE
3 non-polymer N-(2-chloro-4-fluorobenzyl)-4-[(3,5-dimethyl-1H-pyrazol-1-yl)methyl]benzamide
4 water water
#
_entity_poly.entity_id   1
_entity_poly.type   'polypeptide(L)'
_entity_poly.pdbx_seq_one_letter_code
;MTGLLDGKRILVSGIITDSSIAFHIARVAQEQGAQLVLTGFDRLRLIQRITDRLPAKAPLLELDVQNEEHLASLAGRVTE
AIGAGNKLDGVVHSIGFMPQTGMGINPFFDAPYADVSKGIHISAYSYASMAKALLPIMNPGGSIVGMDFDPSRAMPAYNW
MTVAKSALESVNRFVAREAGKYGVRSNLVAAGPIRTLAMSAIVGGALGEEAGAQIQLLEEGWDQRAPIGWNMKDATPVAK
TVCALLSDWLPATTGDIIYADGGAHTQLL
;
_entity_poly.pdbx_strand_id   A,C,E,G
#
loop_
_chem_comp.id
_chem_comp.type
_chem_comp.name
_chem_comp.formula
713 non-polymer N-(2-chloro-4-fluorobenzyl)-4-[(3,5-dimethyl-1H-pyrazol-1-yl)methyl]benzamide 'C20 H19 Cl F N3 O'
NAD non-polymer NICOTINAMIDE-ADENINE-DINUCLEOTIDE 'C21 H27 N7 O14 P2'
#
# COMPACT_ATOMS: atom_id res chain seq x y z
N THR A 2 0.39 -26.27 28.39
CA THR A 2 1.73 -26.20 27.83
C THR A 2 2.36 -24.82 28.02
N GLY A 3 1.78 -23.82 27.38
CA GLY A 3 2.31 -22.46 27.38
C GLY A 3 2.64 -22.13 25.95
N LEU A 4 2.28 -20.93 25.48
CA LEU A 4 2.43 -20.60 24.06
C LEU A 4 3.89 -20.63 23.58
N LEU A 5 4.80 -20.12 24.40
CA LEU A 5 6.20 -20.01 24.00
C LEU A 5 7.05 -20.96 24.85
N ASP A 6 6.48 -22.09 25.21
CA ASP A 6 7.10 -23.01 26.16
C ASP A 6 8.42 -23.62 25.71
N GLY A 7 9.44 -23.43 26.55
CA GLY A 7 10.76 -23.97 26.29
C GLY A 7 11.56 -23.23 25.23
N LYS A 8 11.07 -22.07 24.82
CA LYS A 8 11.77 -21.31 23.79
C LYS A 8 12.72 -20.31 24.44
N ARG A 9 13.87 -20.08 23.79
CA ARG A 9 14.82 -19.13 24.32
C ARG A 9 14.76 -17.89 23.43
N ILE A 10 14.44 -16.77 24.04
CA ILE A 10 14.11 -15.55 23.31
C ILE A 10 14.87 -14.33 23.83
N LEU A 11 15.50 -13.61 22.90
CA LEU A 11 16.18 -12.36 23.20
C LEU A 11 15.14 -11.25 23.19
N VAL A 12 15.11 -10.44 24.25
CA VAL A 12 14.24 -9.28 24.27
C VAL A 12 15.02 -8.01 24.59
N SER A 13 15.02 -7.08 23.64
CA SER A 13 15.73 -5.82 23.80
C SER A 13 14.71 -4.72 24.01
N GLY A 14 15.16 -3.62 24.62
CA GLY A 14 14.39 -2.38 24.67
C GLY A 14 13.62 -2.04 25.93
N ILE A 15 13.89 -2.74 27.02
CA ILE A 15 13.29 -2.40 28.32
C ILE A 15 13.99 -1.22 28.99
N ILE A 16 13.24 -0.17 29.34
CA ILE A 16 13.81 0.96 30.09
C ILE A 16 12.95 1.31 31.33
N THR A 17 11.63 1.22 31.19
CA THR A 17 10.70 1.35 32.31
C THR A 17 9.73 0.19 32.26
N ASP A 18 8.86 0.05 33.25
CA ASP A 18 7.84 -1.00 33.21
C ASP A 18 6.63 -0.61 32.35
N SER A 19 6.77 0.51 31.65
CA SER A 19 5.78 0.93 30.68
C SER A 19 6.27 0.62 29.27
N SER A 20 7.56 0.31 29.15
CA SER A 20 8.13 -0.04 27.86
C SER A 20 7.40 -1.23 27.27
N ILE A 21 7.16 -1.17 25.95
CA ILE A 21 6.48 -2.25 25.26
C ILE A 21 7.29 -3.53 25.44
N ALA A 22 8.60 -3.39 25.43
CA ALA A 22 9.49 -4.54 25.65
C ALA A 22 9.28 -5.15 27.03
N PHE A 23 8.92 -4.34 28.02
CA PHE A 23 8.65 -4.88 29.35
C PHE A 23 7.47 -5.85 29.32
N HIS A 24 6.42 -5.45 28.62
CA HIS A 24 5.19 -6.23 28.54
C HIS A 24 5.36 -7.44 27.63
N ILE A 25 6.14 -7.29 26.55
CA ILE A 25 6.48 -8.41 25.69
C ILE A 25 7.17 -9.49 26.52
N ALA A 26 8.16 -9.07 27.31
CA ALA A 26 8.91 -9.98 28.17
C ALA A 26 8.05 -10.65 29.24
N ARG A 27 7.15 -9.88 29.84
CA ARG A 27 6.25 -10.41 30.87
C ARG A 27 5.34 -11.49 30.28
N VAL A 28 4.71 -11.18 29.15
CA VAL A 28 3.81 -12.13 28.50
C VAL A 28 4.58 -13.35 28.01
N ALA A 29 5.76 -13.12 27.44
CA ALA A 29 6.62 -14.22 27.01
C ALA A 29 6.94 -15.17 28.17
N GLN A 30 7.31 -14.60 29.32
CA GLN A 30 7.63 -15.42 30.50
C GLN A 30 6.40 -16.14 31.03
N GLU A 31 5.25 -15.48 30.97
CA GLU A 31 3.99 -16.10 31.38
C GLU A 31 3.65 -17.29 30.48
N GLN A 32 4.20 -17.29 29.27
CA GLN A 32 3.92 -18.34 28.31
C GLN A 32 5.05 -19.37 28.24
N GLY A 33 5.92 -19.39 29.24
CA GLY A 33 6.89 -20.45 29.38
C GLY A 33 8.22 -20.21 28.66
N ALA A 34 8.38 -19.00 28.12
CA ALA A 34 9.60 -18.70 27.39
C ALA A 34 10.73 -18.43 28.36
N GLN A 35 11.95 -18.77 27.95
CA GLN A 35 13.12 -18.51 28.76
C GLN A 35 13.89 -17.38 28.10
N LEU A 36 14.05 -16.26 28.81
CA LEU A 36 14.49 -15.03 28.17
C LEU A 36 15.92 -14.61 28.47
N VAL A 37 16.51 -13.90 27.51
CA VAL A 37 17.73 -13.14 27.72
C VAL A 37 17.38 -11.72 27.34
N LEU A 38 17.70 -10.78 28.22
CA LEU A 38 17.33 -9.38 27.98
C LEU A 38 18.57 -8.57 27.64
N THR A 39 18.39 -7.54 26.84
CA THR A 39 19.47 -6.59 26.62
C THR A 39 18.97 -5.22 26.99
N GLY A 40 19.88 -4.37 27.48
CA GLY A 40 19.52 -3.04 27.92
C GLY A 40 20.59 -2.07 27.51
N PHE A 41 20.23 -0.80 27.44
CA PHE A 41 21.12 0.26 26.97
C PHE A 41 21.56 1.19 28.10
N ASP A 42 22.87 1.42 28.17
CA ASP A 42 23.47 2.45 29.03
C ASP A 42 23.32 2.24 30.55
N ARG A 43 22.12 2.44 31.06
CA ARG A 43 21.87 2.44 32.51
C ARG A 43 21.45 1.07 33.05
N LEU A 44 22.39 0.12 33.04
CA LEU A 44 22.06 -1.28 33.39
C LEU A 44 21.63 -1.58 34.83
N ARG A 45 22.16 -0.84 35.81
CA ARG A 45 21.70 -1.01 37.19
C ARG A 45 20.26 -0.53 37.33
N LEU A 46 19.93 0.58 36.71
CA LEU A 46 18.56 1.07 36.65
C LEU A 46 17.65 0.03 35.99
N ILE A 47 18.07 -0.48 34.84
CA ILE A 47 17.28 -1.42 34.07
C ILE A 47 17.09 -2.75 34.82
N GLN A 48 18.16 -3.21 35.46
CA GLN A 48 18.10 -4.44 36.24
C GLN A 48 17.03 -4.36 37.31
N ARG A 49 16.90 -3.19 37.95
CA ARG A 49 15.89 -2.99 38.99
C ARG A 49 14.49 -3.12 38.39
N ILE A 50 14.36 -2.65 37.15
CA ILE A 50 13.11 -2.74 36.41
C ILE A 50 12.83 -4.19 35.99
N THR A 51 13.84 -4.87 35.48
CA THR A 51 13.66 -6.24 34.97
C THR A 51 13.46 -7.24 36.10
N ASP A 52 13.75 -6.83 37.33
CA ASP A 52 13.52 -7.66 38.50
C ASP A 52 12.03 -7.79 38.77
N ARG A 53 11.26 -6.86 38.22
CA ARG A 53 9.81 -6.83 38.43
C ARG A 53 9.12 -7.82 37.52
N LEU A 54 9.87 -8.39 36.58
CA LEU A 54 9.33 -9.43 35.70
C LEU A 54 9.00 -10.67 36.54
N PRO A 55 8.08 -11.52 36.05
CA PRO A 55 7.67 -12.73 36.77
C PRO A 55 8.80 -13.74 36.98
N ALA A 56 9.85 -13.67 36.17
CA ALA A 56 10.94 -14.64 36.28
C ALA A 56 12.29 -14.00 36.06
N LYS A 57 13.35 -14.65 36.54
CA LYS A 57 14.69 -14.12 36.37
C LYS A 57 15.16 -14.33 34.94
N ALA A 58 16.02 -13.43 34.47
CA ALA A 58 16.57 -13.51 33.14
C ALA A 58 17.87 -12.72 33.10
N PRO A 59 18.90 -13.28 32.44
CA PRO A 59 20.18 -12.57 32.30
C PRO A 59 19.99 -11.24 31.57
N LEU A 60 20.70 -10.20 32.00
CA LEU A 60 20.59 -8.90 31.36
C LEU A 60 21.95 -8.47 30.79
N LEU A 61 22.00 -8.26 29.49
CA LEU A 61 23.24 -7.92 28.80
C LEU A 61 23.24 -6.48 28.29
N GLU A 62 24.41 -5.86 28.29
CA GLU A 62 24.52 -4.52 27.76
C GLU A 62 24.58 -4.56 26.25
N LEU A 63 23.77 -3.73 25.61
CA LEU A 63 23.74 -3.63 24.15
C LEU A 63 23.39 -2.23 23.68
N ASP A 64 24.40 -1.53 23.17
CA ASP A 64 24.21 -0.28 22.46
C ASP A 64 24.34 -0.60 20.98
N VAL A 65 23.25 -0.45 20.24
CA VAL A 65 23.23 -0.86 18.84
C VAL A 65 24.06 0.05 17.95
N GLN A 66 24.55 1.16 18.50
CA GLN A 66 25.49 2.01 17.78
C GLN A 66 26.93 1.62 18.07
N ASN A 67 27.10 0.73 19.04
CA ASN A 67 28.41 0.27 19.46
C ASN A 67 28.77 -1.02 18.74
N GLU A 68 29.75 -0.95 17.85
CA GLU A 68 30.17 -2.11 17.06
C GLU A 68 30.75 -3.24 17.89
N GLU A 69 31.40 -2.92 19.00
CA GLU A 69 32.03 -3.94 19.82
C GLU A 69 30.96 -4.73 20.57
N HIS A 70 29.88 -4.05 20.94
CA HIS A 70 28.75 -4.72 21.59
C HIS A 70 28.10 -5.72 20.63
N LEU A 71 27.95 -5.32 19.38
CA LEU A 71 27.34 -6.17 18.36
C LEU A 71 28.22 -7.37 18.02
N ALA A 72 29.53 -7.14 17.91
CA ALA A 72 30.47 -8.22 17.58
C ALA A 72 30.50 -9.29 18.66
N SER A 73 30.32 -8.87 19.91
CA SER A 73 30.42 -9.79 21.04
C SER A 73 29.08 -10.39 21.47
N LEU A 74 27.99 -9.90 20.87
CA LEU A 74 26.64 -10.21 21.35
C LEU A 74 26.28 -11.70 21.36
N ALA A 75 26.51 -12.37 20.24
CA ALA A 75 26.17 -13.78 20.15
C ALA A 75 26.92 -14.60 21.19
N GLY A 76 28.21 -14.30 21.34
CA GLY A 76 29.03 -14.98 22.33
C GLY A 76 28.51 -14.78 23.75
N ARG A 77 28.13 -13.55 24.06
CA ARG A 77 27.59 -13.22 25.38
C ARG A 77 26.23 -13.88 25.60
N VAL A 78 25.44 -13.99 24.52
CA VAL A 78 24.18 -14.70 24.60
C VAL A 78 24.42 -16.18 24.83
N THR A 79 25.38 -16.74 24.08
CA THR A 79 25.67 -18.17 24.16
C THR A 79 26.16 -18.55 25.55
N GLU A 80 27.00 -17.70 26.12
CA GLU A 80 27.51 -17.88 27.47
C GLU A 80 26.36 -17.83 28.49
N ALA A 81 25.31 -17.08 28.16
CA ALA A 81 24.16 -16.95 29.06
C ALA A 81 23.17 -18.11 28.96
N ILE A 82 23.04 -18.70 27.78
CA ILE A 82 22.09 -19.79 27.58
C ILE A 82 22.78 -21.15 27.53
N GLY A 83 24.11 -21.15 27.53
CA GLY A 83 24.89 -22.37 27.52
C GLY A 83 25.24 -22.85 26.13
N ALA A 84 26.47 -23.31 25.95
CA ALA A 84 26.94 -23.77 24.63
C ALA A 84 26.13 -24.96 24.14
N GLY A 85 25.87 -25.02 22.84
CA GLY A 85 25.06 -26.09 22.27
C GLY A 85 23.59 -25.70 22.20
N ASN A 86 23.27 -24.54 22.75
CA ASN A 86 21.91 -24.01 22.72
C ASN A 86 21.85 -22.75 21.88
N LYS A 87 20.75 -22.59 21.14
CA LYS A 87 20.55 -21.41 20.30
C LYS A 87 19.24 -20.69 20.64
N LEU A 88 19.09 -19.48 20.13
CA LEU A 88 17.87 -18.69 20.31
C LEU A 88 16.79 -19.17 19.35
N ASP A 89 15.56 -19.21 19.85
CA ASP A 89 14.39 -19.48 19.02
C ASP A 89 13.71 -18.17 18.63
N GLY A 90 13.95 -17.11 19.41
CA GLY A 90 13.32 -15.84 19.16
C GLY A 90 14.18 -14.62 19.45
N VAL A 91 13.96 -13.55 18.69
CA VAL A 91 14.61 -12.29 18.94
C VAL A 91 13.57 -11.17 18.84
N VAL A 92 13.48 -10.33 19.87
CA VAL A 92 12.56 -9.21 19.84
C VAL A 92 13.32 -7.91 19.78
N HIS A 93 13.11 -7.15 18.71
CA HIS A 93 13.74 -5.84 18.56
C HIS A 93 12.72 -4.77 18.93
N SER A 94 12.84 -4.23 20.13
CA SER A 94 11.94 -3.15 20.56
C SER A 94 12.74 -1.90 20.89
N ILE A 95 13.58 -1.50 19.95
CA ILE A 95 14.47 -0.37 20.12
C ILE A 95 14.11 0.68 19.08
N GLY A 96 13.99 1.93 19.53
CA GLY A 96 13.62 3.05 18.69
C GLY A 96 13.93 4.36 19.39
N PHE A 97 14.49 5.31 18.66
CA PHE A 97 14.83 6.62 19.23
C PHE A 97 14.84 7.66 18.11
N MET A 98 14.45 8.88 18.44
CA MET A 98 14.60 10.01 17.53
C MET A 98 14.73 11.26 18.38
N PRO A 99 15.82 12.03 18.17
CA PRO A 99 16.08 13.29 18.87
C PRO A 99 14.93 14.28 18.73
N GLN A 100 14.78 15.19 19.69
CA GLN A 100 13.66 16.13 19.72
C GLN A 100 13.57 16.96 18.46
N THR A 101 14.71 17.14 17.80
CA THR A 101 14.77 17.93 16.59
C THR A 101 14.00 17.30 15.44
N GLY A 102 13.92 15.98 15.46
CA GLY A 102 13.26 15.25 14.39
C GLY A 102 11.92 14.64 14.77
N MET A 103 11.49 14.89 16.00
CA MET A 103 10.24 14.33 16.52
C MET A 103 9.67 15.19 17.62
N GLY A 104 8.45 15.68 17.43
CA GLY A 104 7.76 16.45 18.45
C GLY A 104 7.10 17.70 17.89
N ILE A 105 7.63 18.86 18.27
CA ILE A 105 7.08 20.13 17.79
C ILE A 105 8.06 20.85 16.85
N ASN A 106 9.33 20.45 16.87
CA ASN A 106 10.34 21.07 16.02
C ASN A 106 9.95 20.88 14.56
N PRO A 107 10.02 21.97 13.76
CA PRO A 107 9.60 21.90 12.36
C PRO A 107 10.35 20.82 11.59
N PHE A 108 9.74 20.26 10.56
CA PHE A 108 10.31 19.14 9.80
C PHE A 108 11.64 19.51 9.15
N PHE A 109 11.71 20.73 8.63
CA PHE A 109 12.90 21.19 7.91
C PHE A 109 14.07 21.52 8.84
N ASP A 110 13.81 21.62 10.15
CA ASP A 110 14.83 22.09 11.08
C ASP A 110 15.57 20.95 11.78
N ALA A 111 15.42 19.74 11.27
CA ALA A 111 16.14 18.60 11.80
C ALA A 111 17.47 18.43 11.07
N PRO A 112 18.59 18.64 11.77
CA PRO A 112 19.90 18.43 11.15
C PRO A 112 20.13 16.94 10.85
N TYR A 113 20.87 16.61 9.80
CA TYR A 113 21.01 15.22 9.40
C TYR A 113 21.68 14.34 10.45
N ALA A 114 22.58 14.93 11.22
CA ALA A 114 23.28 14.18 12.26
C ALA A 114 22.31 13.60 13.27
N ASP A 115 21.20 14.31 13.51
CA ASP A 115 20.15 13.82 14.42
C ASP A 115 19.24 12.80 13.74
N VAL A 116 18.89 13.07 12.48
CA VAL A 116 18.09 12.15 11.68
C VAL A 116 18.82 10.82 11.48
N SER A 117 20.11 10.92 11.11
CA SER A 117 20.96 9.75 10.87
C SER A 117 21.10 8.89 12.12
N LYS A 118 21.17 9.55 13.28
CA LYS A 118 21.22 8.85 14.56
C LYS A 118 19.92 8.10 14.82
N GLY A 119 18.79 8.76 14.58
CA GLY A 119 17.49 8.13 14.74
C GLY A 119 17.30 6.93 13.82
N ILE A 120 17.75 7.07 12.58
CA ILE A 120 17.61 6.00 11.60
C ILE A 120 18.55 4.85 11.91
N HIS A 121 19.73 5.19 12.44
CA HIS A 121 20.71 4.19 12.88
C HIS A 121 20.09 3.30 13.94
N ILE A 122 19.55 3.93 15.00
CA ILE A 122 19.02 3.20 16.14
C ILE A 122 17.69 2.50 15.83
N SER A 123 16.83 3.16 15.06
CA SER A 123 15.47 2.66 14.88
C SER A 123 15.30 1.70 13.69
N ALA A 124 16.13 1.88 12.65
CA ALA A 124 15.97 1.08 11.43
C ALA A 124 17.18 0.20 11.11
N TYR A 125 18.35 0.82 10.96
CA TYR A 125 19.57 0.08 10.62
C TYR A 125 19.90 -1.00 11.65
N SER A 126 19.69 -0.69 12.93
CA SER A 126 20.02 -1.62 14.00
C SER A 126 19.19 -2.90 13.93
N TYR A 127 18.09 -2.88 13.18
CA TYR A 127 17.29 -4.09 13.00
C TYR A 127 18.09 -5.12 12.20
N ALA A 128 18.81 -4.66 11.19
CA ALA A 128 19.66 -5.53 10.38
C ALA A 128 20.90 -5.97 11.15
N SER A 129 21.45 -5.04 11.93
CA SER A 129 22.61 -5.29 12.76
C SER A 129 22.37 -6.42 13.75
N MET A 130 21.22 -6.36 14.39
CA MET A 130 20.88 -7.34 15.41
C MET A 130 20.59 -8.71 14.80
N ALA A 131 19.97 -8.69 13.62
CA ALA A 131 19.69 -9.92 12.91
C ALA A 131 20.99 -10.55 12.44
N LYS A 132 21.89 -9.71 11.91
CA LYS A 132 23.21 -10.19 11.50
C LYS A 132 23.94 -10.87 12.65
N ALA A 133 23.90 -10.24 13.82
CA ALA A 133 24.63 -10.72 14.98
C ALA A 133 24.06 -12.01 15.56
N LEU A 134 22.74 -12.14 15.49
CA LEU A 134 22.05 -13.20 16.23
C LEU A 134 21.59 -14.38 15.36
N LEU A 135 21.45 -14.15 14.06
CA LEU A 135 21.07 -15.26 13.17
C LEU A 135 22.01 -16.47 13.24
N PRO A 136 23.34 -16.24 13.30
CA PRO A 136 24.25 -17.40 13.42
C PRO A 136 24.03 -18.22 14.68
N ILE A 137 23.32 -17.69 15.66
CA ILE A 137 22.98 -18.46 16.85
C ILE A 137 21.46 -18.65 17.03
N MET A 138 20.73 -18.66 15.90
CA MET A 138 19.28 -18.91 15.93
C MET A 138 18.94 -20.28 15.33
N ASN A 139 17.99 -20.95 15.97
CA ASN A 139 17.48 -22.25 15.52
C ASN A 139 16.55 -22.15 14.30
N PRO A 140 16.54 -23.19 13.46
CA PRO A 140 15.57 -23.21 12.37
C PRO A 140 14.16 -23.23 12.96
N GLY A 141 13.22 -22.51 12.32
CA GLY A 141 11.89 -22.37 12.87
C GLY A 141 11.77 -21.15 13.78
N GLY A 142 12.87 -20.41 13.90
CA GLY A 142 12.93 -19.25 14.79
C GLY A 142 12.22 -18.02 14.25
N SER A 143 12.12 -16.98 15.10
CA SER A 143 11.38 -15.80 14.71
C SER A 143 12.01 -14.51 15.24
N ILE A 144 12.19 -13.54 14.36
CA ILE A 144 12.63 -12.20 14.76
C ILE A 144 11.49 -11.22 14.57
N VAL A 145 11.22 -10.44 15.62
CA VAL A 145 10.14 -9.47 15.59
C VAL A 145 10.61 -8.06 15.95
N GLY A 146 10.25 -7.07 15.13
CA GLY A 146 10.55 -5.68 15.41
C GLY A 146 9.30 -4.84 15.62
N MET A 147 9.46 -3.66 16.21
CA MET A 147 8.32 -2.80 16.47
C MET A 147 8.20 -1.69 15.44
N ASP A 148 6.99 -1.52 14.91
CA ASP A 148 6.73 -0.57 13.84
C ASP A 148 5.63 0.42 14.26
N PHE A 149 5.59 1.56 13.61
CA PHE A 149 4.49 2.53 13.73
C PHE A 149 4.15 3.01 12.33
N ASP A 150 2.94 2.69 11.88
CA ASP A 150 2.52 2.83 10.48
C ASP A 150 2.89 4.17 9.82
N PRO A 151 3.86 4.14 8.89
CA PRO A 151 4.38 5.33 8.23
C PRO A 151 3.81 5.55 6.83
N SER A 152 2.78 4.81 6.44
CA SER A 152 2.26 4.90 5.08
C SER A 152 1.66 6.27 4.77
N ARG A 153 1.23 6.97 5.82
CA ARG A 153 0.74 8.33 5.68
C ARG A 153 1.49 9.25 6.65
N ALA A 154 1.75 10.49 6.23
CA ALA A 154 2.43 11.45 7.09
C ALA A 154 1.52 11.92 8.23
N MET A 155 2.12 12.24 9.36
CA MET A 155 1.35 12.66 10.53
C MET A 155 2.09 13.75 11.32
N PRO A 156 1.33 14.58 12.04
CA PRO A 156 1.97 15.62 12.86
C PRO A 156 2.84 15.02 13.97
N ALA A 157 3.85 15.77 14.39
CA ALA A 157 4.70 15.43 15.52
C ALA A 157 5.72 14.32 15.30
N TYR A 158 5.27 13.18 14.81
CA TYR A 158 6.14 12.01 14.66
C TYR A 158 7.27 12.24 13.63
N ASN A 159 6.97 13.07 12.63
CA ASN A 159 7.98 13.62 11.72
C ASN A 159 9.02 12.61 11.22
N TRP A 160 10.27 12.80 11.64
CA TRP A 160 11.37 11.97 11.14
C TRP A 160 11.37 10.55 11.70
N MET A 161 10.66 10.31 12.80
CA MET A 161 10.53 8.95 13.28
C MET A 161 9.67 8.14 12.32
N THR A 162 8.73 8.82 11.67
CA THR A 162 7.91 8.19 10.65
C THR A 162 8.78 7.79 9.46
N VAL A 163 9.71 8.66 9.09
CA VAL A 163 10.68 8.36 8.04
C VAL A 163 11.53 7.16 8.41
N ALA A 164 11.95 7.11 9.67
CA ALA A 164 12.77 6.01 10.16
C ALA A 164 12.00 4.69 10.12
N LYS A 165 10.70 4.75 10.38
CA LYS A 165 9.88 3.55 10.33
C LYS A 165 9.62 3.06 8.90
N SER A 166 9.50 3.99 7.96
CA SER A 166 9.40 3.62 6.55
C SER A 166 10.64 2.87 6.13
N ALA A 167 11.80 3.37 6.55
CA ALA A 167 13.06 2.69 6.28
C ALA A 167 13.07 1.33 6.94
N LEU A 168 12.62 1.27 8.20
CA LEU A 168 12.53 0.03 8.95
C LEU A 168 11.65 -1.04 8.27
N GLU A 169 10.54 -0.61 7.70
CA GLU A 169 9.65 -1.54 7.02
C GLU A 169 10.37 -2.19 5.84
N SER A 170 11.13 -1.38 5.11
CA SER A 170 11.91 -1.84 3.97
C SER A 170 13.05 -2.76 4.46
N VAL A 171 13.66 -2.37 5.57
CA VAL A 171 14.71 -3.17 6.17
C VAL A 171 14.19 -4.56 6.53
N ASN A 172 13.01 -4.62 7.12
CA ASN A 172 12.40 -5.90 7.49
C ASN A 172 12.24 -6.88 6.32
N ARG A 173 11.91 -6.34 5.15
CA ARG A 173 11.74 -7.16 3.96
C ARG A 173 13.09 -7.77 3.56
N PHE A 174 14.16 -7.01 3.69
CA PHE A 174 15.48 -7.51 3.32
C PHE A 174 16.03 -8.50 4.36
N VAL A 175 15.75 -8.24 5.62
CA VAL A 175 16.17 -9.14 6.69
C VAL A 175 15.50 -10.52 6.57
N ALA A 176 14.26 -10.54 6.10
CA ALA A 176 13.54 -11.79 5.91
C ALA A 176 14.23 -12.70 4.89
N ARG A 177 14.79 -12.09 3.86
CA ARG A 177 15.58 -12.81 2.85
C ARG A 177 16.78 -13.51 3.47
N GLU A 178 17.50 -12.79 4.30
CA GLU A 178 18.70 -13.32 4.94
C GLU A 178 18.35 -14.38 5.98
N ALA A 179 17.27 -14.13 6.72
CA ALA A 179 16.87 -15.03 7.78
C ALA A 179 16.25 -16.31 7.19
N GLY A 180 15.81 -16.23 5.94
CA GLY A 180 15.23 -17.37 5.27
C GLY A 180 16.20 -18.52 5.10
N LYS A 181 17.47 -18.20 4.88
CA LYS A 181 18.53 -19.20 4.71
C LYS A 181 18.72 -20.01 6.00
N TYR A 182 18.32 -19.41 7.12
CA TYR A 182 18.46 -20.04 8.43
C TYR A 182 17.16 -20.72 8.86
N GLY A 183 16.13 -20.62 8.03
CA GLY A 183 14.80 -21.07 8.39
C GLY A 183 14.15 -20.20 9.45
N VAL A 184 14.49 -18.91 9.45
CA VAL A 184 13.98 -17.97 10.46
C VAL A 184 13.08 -16.90 9.84
N ARG A 185 11.95 -16.62 10.48
CA ARG A 185 11.04 -15.58 10.01
C ARG A 185 11.42 -14.22 10.57
N SER A 186 11.12 -13.17 9.82
CA SER A 186 11.31 -11.79 10.26
C SER A 186 10.04 -11.00 9.95
N ASN A 187 9.47 -10.38 10.98
CA ASN A 187 8.24 -9.61 10.82
C ASN A 187 8.22 -8.39 11.75
N LEU A 188 7.40 -7.40 11.43
CA LEU A 188 7.22 -6.26 12.32
C LEU A 188 5.80 -6.24 12.87
N VAL A 189 5.66 -5.76 14.10
CA VAL A 189 4.34 -5.45 14.65
C VAL A 189 4.15 -3.94 14.67
N ALA A 190 3.16 -3.49 13.90
CA ALA A 190 2.81 -2.08 13.84
C ALA A 190 1.77 -1.78 14.91
N ALA A 191 2.23 -1.17 16.01
CA ALA A 191 1.35 -0.91 17.14
C ALA A 191 0.69 0.44 16.96
N GLY A 192 -0.42 0.64 17.67
CA GLY A 192 -1.02 1.96 17.83
C GLY A 192 -0.23 2.71 18.89
N PRO A 193 -0.58 3.98 19.15
CA PRO A 193 0.18 4.76 20.13
C PRO A 193 0.11 4.17 21.54
N ILE A 194 1.26 4.07 22.20
CA ILE A 194 1.33 3.56 23.57
C ILE A 194 2.02 4.59 24.47
N ARG A 195 1.48 4.80 25.67
CA ARG A 195 2.13 5.71 26.62
C ARG A 195 3.39 5.13 27.20
N THR A 196 4.49 5.28 26.47
CA THR A 196 5.81 4.95 26.99
C THR A 196 6.53 6.24 27.40
N LEU A 197 7.76 6.09 27.88
CA LEU A 197 8.51 7.18 28.52
C LEU A 197 8.45 8.53 27.80
N ALA A 198 8.78 8.55 26.51
CA ALA A 198 8.78 9.78 25.73
C ALA A 198 7.39 10.35 25.48
N MET A 199 6.38 9.49 25.42
CA MET A 199 5.02 9.91 25.15
C MET A 199 4.42 10.56 26.39
N SER A 200 4.73 9.98 27.54
CA SER A 200 4.30 10.53 28.81
C SER A 200 4.94 11.89 29.03
N ALA A 201 6.18 12.04 28.55
CA ALA A 201 6.88 13.31 28.67
C ALA A 201 6.21 14.37 27.81
N ILE A 202 5.93 14.03 26.54
CA ILE A 202 5.27 14.97 25.65
C ILE A 202 3.87 15.34 26.14
N VAL A 203 3.09 14.31 26.47
CA VAL A 203 1.73 14.52 26.99
C VAL A 203 1.77 15.34 28.28
N GLY A 204 2.84 15.16 29.05
CA GLY A 204 3.01 15.88 30.30
C GLY A 204 3.43 17.34 30.18
N GLY A 205 3.74 17.78 28.97
CA GLY A 205 4.08 19.17 28.71
C GLY A 205 5.56 19.49 28.54
N ALA A 206 6.39 18.46 28.43
CA ALA A 206 7.84 18.63 28.32
C ALA A 206 8.25 19.52 27.15
N LEU A 207 7.46 19.49 26.08
CA LEU A 207 7.70 20.29 24.88
C LEU A 207 6.60 21.33 24.68
N GLY A 208 5.86 21.62 25.75
CA GLY A 208 4.79 22.59 25.68
C GLY A 208 3.41 21.98 25.68
N GLU A 209 2.39 22.82 25.83
CA GLU A 209 1.01 22.37 25.93
C GLU A 209 0.50 21.80 24.60
N GLU A 210 0.89 22.43 23.50
CA GLU A 210 0.39 22.06 22.17
C GLU A 210 0.85 20.68 21.76
N ALA A 211 2.13 20.39 21.97
CA ALA A 211 2.68 19.10 21.57
C ALA A 211 1.98 17.94 22.28
N GLY A 212 1.66 18.13 23.55
CA GLY A 212 0.94 17.11 24.31
C GLY A 212 -0.51 16.98 23.90
N ALA A 213 -1.09 18.08 23.43
CA ALA A 213 -2.48 18.05 23.00
C ALA A 213 -2.61 17.40 21.64
N GLN A 214 -1.64 17.66 20.76
CA GLN A 214 -1.59 17.02 19.45
C GLN A 214 -1.55 15.51 19.58
N ILE A 215 -0.77 15.03 20.55
CA ILE A 215 -0.60 13.59 20.76
C ILE A 215 -1.87 12.96 21.30
N GLN A 216 -2.52 13.64 22.25
CA GLN A 216 -3.77 13.15 22.81
C GLN A 216 -4.87 13.16 21.76
N LEU A 217 -4.80 14.13 20.86
CA LEU A 217 -5.77 14.25 19.79
C LEU A 217 -5.57 13.11 18.82
N LEU A 218 -4.31 12.79 18.57
CA LEU A 218 -3.95 11.67 17.72
C LEU A 218 -4.45 10.35 18.34
N GLU A 219 -4.20 10.18 19.64
CA GLU A 219 -4.56 8.98 20.37
C GLU A 219 -6.07 8.78 20.41
N GLU A 220 -6.81 9.87 20.47
CA GLU A 220 -8.27 9.78 20.55
C GLU A 220 -8.91 9.49 19.21
N GLY A 221 -8.29 9.96 18.13
CA GLY A 221 -8.79 9.65 16.81
C GLY A 221 -8.51 8.20 16.43
N TRP A 222 -7.46 7.64 17.03
CA TRP A 222 -7.11 6.23 16.86
C TRP A 222 -8.18 5.37 17.50
N ASP A 223 -8.54 5.75 18.74
CA ASP A 223 -9.52 5.02 19.52
C ASP A 223 -10.89 5.01 18.85
N GLN A 224 -11.27 6.13 18.24
CA GLN A 224 -12.52 6.24 17.49
C GLN A 224 -12.50 5.40 16.23
N ARG A 225 -11.40 5.50 15.47
CA ARG A 225 -11.24 4.83 14.19
C ARG A 225 -11.20 3.30 14.33
N ALA A 226 -10.58 2.83 15.40
CA ALA A 226 -10.44 1.40 15.65
C ALA A 226 -11.81 0.83 15.95
N PRO A 227 -12.27 -0.10 15.10
CA PRO A 227 -13.59 -0.73 15.29
C PRO A 227 -13.73 -1.41 16.64
N ILE A 228 -12.62 -1.90 17.20
CA ILE A 228 -12.65 -2.53 18.52
C ILE A 228 -12.03 -1.64 19.59
N GLY A 229 -11.77 -0.38 19.23
CA GLY A 229 -11.18 0.58 20.16
C GLY A 229 -9.68 0.46 20.32
N TRP A 230 -9.07 1.48 20.92
CA TRP A 230 -7.65 1.49 21.24
C TRP A 230 -7.35 2.19 22.57
N ASN A 231 -6.68 1.48 23.47
CA ASN A 231 -6.26 2.02 24.76
C ASN A 231 -4.75 2.30 24.79
N MET A 232 -4.36 3.57 24.82
CA MET A 232 -2.94 3.90 24.77
C MET A 232 -2.15 3.55 26.04
N LYS A 233 -2.85 3.13 27.09
CA LYS A 233 -2.17 2.73 28.32
C LYS A 233 -2.10 1.22 28.52
N ASP A 234 -2.56 0.47 27.51
CA ASP A 234 -2.53 -0.99 27.60
C ASP A 234 -1.65 -1.57 26.50
N ALA A 235 -0.47 -2.03 26.89
CA ALA A 235 0.49 -2.56 25.93
C ALA A 235 0.34 -4.07 25.76
N THR A 236 -0.42 -4.69 26.65
CA THR A 236 -0.59 -6.14 26.64
C THR A 236 -1.09 -6.71 25.31
N PRO A 237 -2.09 -6.06 24.67
CA PRO A 237 -2.52 -6.58 23.36
C PRO A 237 -1.40 -6.59 22.33
N VAL A 238 -0.50 -5.61 22.39
CA VAL A 238 0.59 -5.56 21.44
C VAL A 238 1.61 -6.63 21.78
N ALA A 239 1.77 -6.88 23.07
CA ALA A 239 2.71 -7.90 23.53
C ALA A 239 2.27 -9.29 23.13
N LYS A 240 0.95 -9.51 23.13
CA LYS A 240 0.41 -10.82 22.78
C LYS A 240 0.64 -11.07 21.29
N THR A 241 0.51 -10.01 20.50
CA THR A 241 0.70 -10.10 19.06
C THR A 241 2.14 -10.45 18.72
N VAL A 242 3.08 -9.86 19.46
CA VAL A 242 4.50 -10.17 19.26
C VAL A 242 4.77 -11.62 19.64
N CYS A 243 4.19 -12.04 20.76
CA CYS A 243 4.35 -13.40 21.23
C CYS A 243 3.74 -14.41 20.27
N ALA A 244 2.70 -13.98 19.56
CA ALA A 244 2.07 -14.82 18.56
C ALA A 244 3.03 -15.06 17.41
N LEU A 245 3.72 -14.00 17.00
CA LEU A 245 4.71 -14.10 15.93
C LEU A 245 5.96 -14.88 16.35
N LEU A 246 6.24 -14.90 17.64
CA LEU A 246 7.37 -15.65 18.17
C LEU A 246 7.03 -17.13 18.23
N SER A 247 5.73 -17.44 18.20
CA SER A 247 5.28 -18.82 18.29
C SER A 247 5.33 -19.50 16.92
N ASP A 248 4.88 -20.75 16.89
CA ASP A 248 4.87 -21.53 15.67
C ASP A 248 3.53 -21.42 14.94
N TRP A 249 2.71 -20.45 15.33
CA TRP A 249 1.35 -20.35 14.82
C TRP A 249 1.17 -19.38 13.63
N LEU A 250 2.22 -18.67 13.28
CA LEU A 250 2.28 -17.91 12.04
C LEU A 250 3.48 -18.37 11.23
N PRO A 251 3.49 -19.65 10.81
CA PRO A 251 4.71 -20.26 10.26
C PRO A 251 5.00 -19.90 8.81
N ALA A 252 4.04 -19.29 8.13
CA ALA A 252 4.21 -18.95 6.72
C ALA A 252 4.16 -17.45 6.48
N THR A 253 4.42 -16.68 7.53
CA THR A 253 4.43 -15.21 7.45
C THR A 253 5.84 -14.69 7.74
N THR A 254 6.40 -13.97 6.79
CA THR A 254 7.74 -13.39 6.91
C THR A 254 7.87 -12.16 6.02
N GLY A 255 8.83 -11.29 6.35
CA GLY A 255 9.01 -10.04 5.62
C GLY A 255 7.78 -9.16 5.71
N ASP A 256 6.96 -9.41 6.71
CA ASP A 256 5.63 -8.83 6.75
C ASP A 256 5.37 -7.90 7.93
N ILE A 257 4.21 -7.25 7.89
CA ILE A 257 3.76 -6.35 8.94
C ILE A 257 2.40 -6.79 9.47
N ILE A 258 2.33 -7.01 10.77
CA ILE A 258 1.06 -7.32 11.42
C ILE A 258 0.64 -6.12 12.25
N TYR A 259 -0.59 -5.67 12.02
CA TYR A 259 -1.08 -4.45 12.66
C TYR A 259 -1.84 -4.75 13.95
N ALA A 260 -1.26 -4.30 15.06
CA ALA A 260 -1.89 -4.38 16.36
C ALA A 260 -2.27 -2.96 16.77
N ASP A 261 -3.27 -2.42 16.08
CA ASP A 261 -3.65 -1.02 16.29
C ASP A 261 -5.16 -0.88 16.48
N GLY A 262 -5.82 -1.97 16.81
CA GLY A 262 -7.27 -1.97 16.96
C GLY A 262 -8.02 -1.86 15.65
N GLY A 263 -7.29 -1.95 14.54
CA GLY A 263 -7.90 -1.85 13.21
C GLY A 263 -8.04 -0.44 12.67
N ALA A 264 -7.39 0.53 13.31
CA ALA A 264 -7.56 1.93 12.95
C ALA A 264 -7.09 2.27 11.53
N HIS A 265 -6.04 1.60 11.08
CA HIS A 265 -5.44 1.85 9.76
C HIS A 265 -6.27 1.33 8.60
N THR A 266 -7.28 0.53 8.91
CA THR A 266 -8.20 0.01 7.90
C THR A 266 -9.45 0.88 7.79
N GLN A 267 -9.52 1.95 8.59
CA GLN A 267 -10.71 2.79 8.60
C GLN A 267 -10.42 4.27 8.42
N LEU A 268 -11.23 4.92 7.59
CA LEU A 268 -11.14 6.35 7.42
C LEU A 268 -12.23 6.98 8.30
N LEU A 269 -11.83 7.38 9.51
CA LEU A 269 -12.71 7.94 10.56
C LEU A 269 -13.87 7.05 10.99
N THR B 2 1.67 26.08 -28.20
CA THR B 2 1.70 26.43 -26.78
C THR B 2 2.36 25.33 -25.95
N GLY B 3 3.62 25.56 -25.59
CA GLY B 3 4.40 24.63 -24.81
C GLY B 3 3.77 24.30 -23.47
N LEU B 4 3.86 23.04 -23.06
CA LEU B 4 3.23 22.56 -21.83
C LEU B 4 3.71 23.35 -20.62
N LEU B 5 5.00 23.69 -20.62
CA LEU B 5 5.62 24.38 -19.49
C LEU B 5 6.03 25.78 -19.88
N ASP B 6 5.22 26.41 -20.73
CA ASP B 6 5.54 27.71 -21.31
C ASP B 6 5.60 28.83 -20.27
N GLY B 7 6.73 29.54 -20.26
CA GLY B 7 6.93 30.66 -19.35
C GLY B 7 7.24 30.28 -17.92
N LYS B 8 7.51 29.01 -17.68
CA LYS B 8 7.80 28.54 -16.33
C LYS B 8 9.31 28.49 -16.09
N ARG B 9 9.73 28.78 -14.87
CA ARG B 9 11.14 28.72 -14.50
C ARG B 9 11.37 27.50 -13.63
N ILE B 10 12.27 26.62 -14.05
CA ILE B 10 12.42 25.33 -13.41
C ILE B 10 13.87 24.97 -13.12
N LEU B 11 14.13 24.58 -11.87
CA LEU B 11 15.43 24.09 -11.43
C LEU B 11 15.52 22.60 -11.75
N VAL B 12 16.60 22.19 -12.41
CA VAL B 12 16.83 20.76 -12.66
C VAL B 12 18.21 20.34 -12.15
N SER B 13 18.20 19.39 -11.21
CA SER B 13 19.42 18.86 -10.63
C SER B 13 19.68 17.44 -11.13
N GLY B 14 20.93 16.98 -11.07
CA GLY B 14 21.23 15.57 -11.26
C GLY B 14 21.74 15.13 -12.64
N ILE B 15 22.10 16.08 -13.49
CA ILE B 15 22.70 15.75 -14.77
C ILE B 15 24.16 15.38 -14.57
N ILE B 16 24.56 14.20 -15.04
CA ILE B 16 25.97 13.78 -15.00
C ILE B 16 26.41 13.27 -16.38
N THR B 17 25.53 12.55 -17.06
CA THR B 17 25.73 12.18 -18.47
C THR B 17 24.46 12.48 -19.27
N ASP B 18 24.50 12.31 -20.59
CA ASP B 18 23.30 12.53 -21.41
C ASP B 18 22.38 11.31 -21.41
N SER B 19 22.68 10.35 -20.53
CA SER B 19 21.84 9.19 -20.29
C SER B 19 21.08 9.43 -18.99
N SER B 20 21.54 10.43 -18.22
CA SER B 20 20.89 10.77 -16.95
C SER B 20 19.44 11.08 -17.20
N ILE B 21 18.58 10.63 -16.31
CA ILE B 21 17.16 10.94 -16.41
C ILE B 21 16.97 12.46 -16.37
N ALA B 22 17.79 13.13 -15.57
CA ALA B 22 17.74 14.58 -15.48
C ALA B 22 18.05 15.26 -16.81
N PHE B 23 18.93 14.68 -17.61
CA PHE B 23 19.22 15.24 -18.92
C PHE B 23 17.96 15.25 -19.77
N HIS B 24 17.23 14.14 -19.72
CA HIS B 24 16.04 13.99 -20.55
C HIS B 24 14.87 14.83 -20.04
N ILE B 25 14.75 14.95 -18.72
CA ILE B 25 13.77 15.85 -18.10
C ILE B 25 14.01 17.28 -18.58
N ALA B 26 15.26 17.71 -18.53
CA ALA B 26 15.64 19.05 -18.95
C ALA B 26 15.39 19.27 -20.44
N ARG B 27 15.69 18.25 -21.25
CA ARG B 27 15.48 18.34 -22.70
C ARG B 27 14.00 18.51 -23.06
N VAL B 28 13.14 17.66 -22.50
CA VAL B 28 11.70 17.73 -22.77
C VAL B 28 11.10 19.03 -22.26
N ALA B 29 11.49 19.43 -21.06
CA ALA B 29 11.05 20.68 -20.47
C ALA B 29 11.36 21.88 -21.37
N GLN B 30 12.58 21.93 -21.87
CA GLN B 30 12.97 23.02 -22.77
C GLN B 30 12.19 22.94 -24.07
N GLU B 31 11.93 21.72 -24.53
CA GLU B 31 11.11 21.53 -25.73
C GLU B 31 9.69 22.03 -25.49
N GLN B 32 9.29 22.09 -24.23
CA GLN B 32 7.95 22.57 -23.87
C GLN B 32 7.98 24.01 -23.36
N GLY B 33 9.06 24.72 -23.67
CA GLY B 33 9.11 26.15 -23.43
C GLY B 33 9.62 26.59 -22.07
N ALA B 34 10.11 25.63 -21.28
CA ALA B 34 10.58 25.98 -19.95
C ALA B 34 11.95 26.64 -19.98
N GLN B 35 12.18 27.52 -19.02
CA GLN B 35 13.46 28.19 -18.86
C GLN B 35 14.14 27.63 -17.63
N LEU B 36 15.33 27.07 -17.83
CA LEU B 36 15.94 26.22 -16.82
C LEU B 36 17.11 26.85 -16.07
N VAL B 37 17.31 26.38 -14.83
CA VAL B 37 18.54 26.59 -14.08
C VAL B 37 19.01 25.19 -13.73
N LEU B 38 20.28 24.90 -13.98
CA LEU B 38 20.79 23.56 -13.72
C LEU B 38 21.74 23.58 -12.54
N THR B 39 21.76 22.47 -11.80
CA THR B 39 22.77 22.30 -10.77
C THR B 39 23.51 20.99 -11.01
N GLY B 40 24.78 20.95 -10.65
CA GLY B 40 25.59 19.77 -10.88
C GLY B 40 26.49 19.49 -9.70
N PHE B 41 26.95 18.25 -9.61
CA PHE B 41 27.78 17.81 -8.50
C PHE B 41 29.20 17.50 -8.97
N ASP B 42 30.18 18.06 -8.27
CA ASP B 42 31.60 17.72 -8.44
C ASP B 42 32.27 18.09 -9.77
N ARG B 43 31.92 17.39 -10.84
CA ARG B 43 32.61 17.59 -12.12
C ARG B 43 31.89 18.63 -12.97
N LEU B 44 31.95 19.89 -12.55
CA LEU B 44 31.17 20.94 -13.21
C LEU B 44 31.58 21.26 -14.64
N ARG B 45 32.88 21.13 -14.94
CA ARG B 45 33.36 21.41 -16.29
C ARG B 45 32.83 20.34 -17.22
N LEU B 46 32.92 19.09 -16.77
CA LEU B 46 32.40 17.94 -17.49
C LEU B 46 30.90 18.10 -17.68
N ILE B 47 30.21 18.47 -16.61
CA ILE B 47 28.75 18.61 -16.64
C ILE B 47 28.32 19.71 -17.60
N GLN B 48 29.04 20.83 -17.59
CA GLN B 48 28.75 21.94 -18.49
C GLN B 48 28.79 21.51 -19.96
N ARG B 49 29.75 20.67 -20.31
CA ARG B 49 29.87 20.19 -21.69
C ARG B 49 28.67 19.34 -22.10
N ILE B 50 28.14 18.59 -21.14
CA ILE B 50 26.97 17.75 -21.36
C ILE B 50 25.76 18.64 -21.55
N THR B 51 25.65 19.66 -20.70
CA THR B 51 24.50 20.56 -20.74
C THR B 51 24.51 21.45 -21.98
N ASP B 52 25.63 21.47 -22.70
CA ASP B 52 25.77 22.20 -23.95
C ASP B 52 24.95 21.54 -25.06
N ARG B 53 24.66 20.25 -24.87
CA ARG B 53 23.93 19.45 -25.86
C ARG B 53 22.42 19.65 -25.75
N LEU B 54 21.98 20.30 -24.68
CA LEU B 54 20.57 20.61 -24.51
C LEU B 54 20.12 21.55 -25.61
N PRO B 55 18.81 21.55 -25.93
CA PRO B 55 18.28 22.44 -26.98
C PRO B 55 18.42 23.94 -26.66
N ALA B 56 18.56 24.28 -25.38
CA ALA B 56 18.66 25.70 -25.01
C ALA B 56 19.65 25.95 -23.86
N LYS B 57 20.11 27.19 -23.76
CA LYS B 57 21.08 27.58 -22.73
C LYS B 57 20.42 27.73 -21.36
N ALA B 58 21.18 27.43 -20.32
CA ALA B 58 20.71 27.54 -18.95
C ALA B 58 21.89 27.65 -18.00
N PRO B 59 21.77 28.52 -16.99
CA PRO B 59 22.81 28.66 -15.97
C PRO B 59 23.07 27.33 -15.27
N LEU B 60 24.33 27.06 -14.97
CA LEU B 60 24.72 25.84 -14.26
C LEU B 60 25.39 26.21 -12.95
N LEU B 61 24.80 25.76 -11.85
CA LEU B 61 25.29 26.09 -10.52
C LEU B 61 25.82 24.84 -9.81
N GLU B 62 26.85 24.99 -8.99
CA GLU B 62 27.36 23.85 -8.25
C GLU B 62 26.47 23.60 -7.04
N LEU B 63 26.09 22.35 -6.84
CA LEU B 63 25.30 21.98 -5.68
C LEU B 63 25.65 20.57 -5.22
N ASP B 64 26.36 20.49 -4.10
CA ASP B 64 26.58 19.24 -3.39
C ASP B 64 25.65 19.25 -2.21
N VAL B 65 24.68 18.34 -2.23
CA VAL B 65 23.63 18.35 -1.22
C VAL B 65 24.11 17.93 0.17
N GLN B 66 25.34 17.44 0.25
CA GLN B 66 25.97 17.16 1.54
C GLN B 66 26.74 18.37 2.06
N ASN B 67 26.84 19.40 1.23
CA ASN B 67 27.54 20.62 1.62
C ASN B 67 26.52 21.67 2.10
N GLU B 68 26.56 21.96 3.40
CA GLU B 68 25.61 22.90 4.00
C GLU B 68 25.75 24.32 3.46
N GLU B 69 26.97 24.69 3.06
CA GLU B 69 27.22 26.03 2.52
C GLU B 69 26.66 26.17 1.12
N HIS B 70 26.68 25.08 0.35
CA HIS B 70 26.04 25.09 -0.98
C HIS B 70 24.54 25.30 -0.84
N LEU B 71 23.93 24.63 0.12
CA LEU B 71 22.49 24.73 0.34
C LEU B 71 22.09 26.11 0.85
N ALA B 72 22.89 26.66 1.76
CA ALA B 72 22.61 27.97 2.36
C ALA B 72 22.61 29.11 1.35
N SER B 73 23.44 28.99 0.32
CA SER B 73 23.59 30.03 -0.69
C SER B 73 22.72 29.78 -1.92
N LEU B 74 22.02 28.65 -1.95
CA LEU B 74 21.32 28.19 -3.15
C LEU B 74 20.27 29.16 -3.68
N ALA B 75 19.36 29.61 -2.82
CA ALA B 75 18.29 30.53 -3.23
C ALA B 75 18.86 31.83 -3.79
N GLY B 76 19.88 32.38 -3.13
CA GLY B 76 20.55 33.57 -3.59
C GLY B 76 21.21 33.39 -4.95
N ARG B 77 21.88 32.27 -5.14
CA ARG B 77 22.54 31.97 -6.41
C ARG B 77 21.55 31.72 -7.54
N VAL B 78 20.41 31.10 -7.23
CA VAL B 78 19.35 30.89 -8.21
C VAL B 78 18.70 32.21 -8.62
N THR B 79 18.42 33.07 -7.63
CA THR B 79 17.77 34.35 -7.89
C THR B 79 18.62 35.24 -8.79
N GLU B 80 19.93 35.25 -8.58
CA GLU B 80 20.83 35.98 -9.47
C GLU B 80 20.74 35.42 -10.88
N ALA B 81 20.51 34.11 -10.96
CA ALA B 81 20.48 33.42 -12.26
C ALA B 81 19.19 33.65 -13.04
N ILE B 82 18.09 33.84 -12.31
CA ILE B 82 16.80 34.06 -12.95
C ILE B 82 16.40 35.53 -12.91
N GLY B 83 17.19 36.34 -12.20
CA GLY B 83 16.95 37.76 -12.11
C GLY B 83 16.09 38.09 -10.89
N ALA B 84 16.44 39.16 -10.18
CA ALA B 84 15.70 39.54 -8.98
C ALA B 84 14.25 39.86 -9.31
N GLY B 85 13.33 39.49 -8.42
CA GLY B 85 11.92 39.70 -8.66
C GLY B 85 11.28 38.50 -9.33
N ASN B 86 12.11 37.51 -9.66
CA ASN B 86 11.62 36.29 -10.30
C ASN B 86 11.77 35.06 -9.41
N LYS B 87 10.78 34.17 -9.45
CA LYS B 87 10.82 32.94 -8.65
C LYS B 87 10.69 31.68 -9.51
N LEU B 88 11.03 30.53 -8.91
CA LEU B 88 10.91 29.24 -9.57
C LEU B 88 9.45 28.76 -9.56
N ASP B 89 9.02 28.16 -10.66
CA ASP B 89 7.70 27.52 -10.70
C ASP B 89 7.84 26.02 -10.49
N GLY B 90 9.04 25.51 -10.75
CA GLY B 90 9.28 24.08 -10.67
C GLY B 90 10.65 23.76 -10.11
N VAL B 91 10.74 22.63 -9.41
CA VAL B 91 12.01 22.13 -8.93
C VAL B 91 12.08 20.62 -9.20
N VAL B 92 13.15 20.18 -9.85
CA VAL B 92 13.33 18.73 -10.07
C VAL B 92 14.50 18.18 -9.28
N HIS B 93 14.21 17.24 -8.40
CA HIS B 93 15.23 16.55 -7.63
C HIS B 93 15.47 15.21 -8.28
N SER B 94 16.57 15.09 -9.03
CA SER B 94 16.93 13.84 -9.69
C SER B 94 18.31 13.38 -9.21
N ILE B 95 18.46 13.33 -7.88
CA ILE B 95 19.73 13.03 -7.24
C ILE B 95 19.57 11.76 -6.42
N GLY B 96 20.52 10.85 -6.58
CA GLY B 96 20.49 9.58 -5.89
C GLY B 96 21.84 8.90 -5.92
N PHE B 97 22.25 8.34 -4.80
CA PHE B 97 23.51 7.62 -4.70
C PHE B 97 23.50 6.58 -3.59
N MET B 98 24.16 5.47 -3.85
CA MET B 98 24.40 4.43 -2.85
C MET B 98 25.69 3.70 -3.22
N PRO B 99 26.66 3.66 -2.28
CA PRO B 99 27.94 2.97 -2.44
C PRO B 99 27.75 1.48 -2.76
N GLN B 100 28.75 0.86 -3.39
CA GLN B 100 28.67 -0.55 -3.79
C GLN B 100 28.38 -1.47 -2.60
N THR B 101 28.76 -1.04 -1.40
CA THR B 101 28.52 -1.85 -0.21
C THR B 101 27.01 -1.98 0.05
N GLY B 102 26.25 -0.96 -0.36
CA GLY B 102 24.82 -0.94 -0.09
C GLY B 102 23.89 -1.15 -1.27
N MET B 103 24.47 -1.36 -2.45
CA MET B 103 23.70 -1.56 -3.67
C MET B 103 24.57 -2.34 -4.65
N GLY B 104 24.10 -3.50 -5.08
CA GLY B 104 24.83 -4.27 -6.07
C GLY B 104 24.92 -5.73 -5.69
N ILE B 105 26.13 -6.18 -5.40
CA ILE B 105 26.32 -7.58 -5.05
C ILE B 105 26.73 -7.81 -3.59
N ASN B 106 27.19 -6.75 -2.93
CA ASN B 106 27.56 -6.86 -1.52
C ASN B 106 26.35 -7.25 -0.71
N PRO B 107 26.51 -8.25 0.17
CA PRO B 107 25.38 -8.75 0.96
C PRO B 107 24.74 -7.64 1.79
N PHE B 108 23.44 -7.77 2.06
CA PHE B 108 22.68 -6.74 2.75
C PHE B 108 23.26 -6.43 4.12
N PHE B 109 23.70 -7.47 4.83
CA PHE B 109 24.23 -7.33 6.19
C PHE B 109 25.63 -6.72 6.21
N ASP B 110 26.28 -6.65 5.04
CA ASP B 110 27.68 -6.22 4.97
C ASP B 110 27.84 -4.75 4.58
N ALA B 111 26.75 -3.99 4.66
CA ALA B 111 26.80 -2.55 4.42
C ALA B 111 27.03 -1.81 5.73
N PRO B 112 28.20 -1.15 5.88
CA PRO B 112 28.44 -0.37 7.10
C PRO B 112 27.53 0.84 7.15
N TYR B 113 27.14 1.28 8.35
CA TYR B 113 26.16 2.35 8.43
C TYR B 113 26.64 3.65 7.81
N ALA B 114 27.94 3.91 7.90
CA ALA B 114 28.49 5.13 7.35
C ALA B 114 28.26 5.22 5.85
N ASP B 115 28.24 4.07 5.17
CA ASP B 115 27.97 4.04 3.73
C ASP B 115 26.50 4.18 3.44
N VAL B 116 25.67 3.48 4.22
CA VAL B 116 24.23 3.59 4.09
C VAL B 116 23.77 5.02 4.38
N SER B 117 24.29 5.59 5.46
CA SER B 117 23.93 6.93 5.90
C SER B 117 24.24 7.97 4.84
N LYS B 118 25.32 7.75 4.10
CA LYS B 118 25.67 8.63 2.99
C LYS B 118 24.64 8.49 1.87
N GLY B 119 24.24 7.27 1.58
CA GLY B 119 23.21 7.00 0.59
C GLY B 119 21.88 7.63 0.94
N ILE B 120 21.52 7.54 2.23
CA ILE B 120 20.26 8.10 2.70
C ILE B 120 20.29 9.63 2.75
N HIS B 121 21.46 10.18 3.07
CA HIS B 121 21.68 11.62 3.06
C HIS B 121 21.44 12.18 1.66
N ILE B 122 22.12 11.59 0.69
CA ILE B 122 22.07 12.05 -0.70
C ILE B 122 20.75 11.75 -1.40
N SER B 123 20.19 10.57 -1.12
CA SER B 123 19.03 10.09 -1.87
C SER B 123 17.69 10.46 -1.23
N ALA B 124 17.66 10.61 0.09
CA ALA B 124 16.40 10.86 0.78
C ALA B 124 16.33 12.21 1.51
N TYR B 125 17.22 12.43 2.47
CA TYR B 125 17.23 13.67 3.26
C TYR B 125 17.36 14.94 2.41
N SER B 126 18.19 14.87 1.38
CA SER B 126 18.47 16.03 0.52
C SER B 126 17.22 16.49 -0.21
N TYR B 127 16.20 15.66 -0.26
CA TYR B 127 14.93 16.06 -0.86
C TYR B 127 14.29 17.13 0.02
N ALA B 128 14.36 16.94 1.33
CA ALA B 128 13.86 17.94 2.26
C ALA B 128 14.78 19.16 2.29
N SER B 129 16.08 18.92 2.23
CA SER B 129 17.07 19.99 2.22
C SER B 129 16.83 20.90 1.04
N MET B 130 16.60 20.30 -0.12
CA MET B 130 16.44 21.09 -1.34
C MET B 130 15.11 21.86 -1.33
N ALA B 131 14.08 21.24 -0.76
CA ALA B 131 12.77 21.90 -0.64
C ALA B 131 12.82 23.07 0.34
N LYS B 132 13.49 22.85 1.47
CA LYS B 132 13.67 23.90 2.46
C LYS B 132 14.37 25.12 1.88
N ALA B 133 15.42 24.86 1.11
CA ALA B 133 16.24 25.94 0.57
C ALA B 133 15.53 26.74 -0.52
N LEU B 134 14.66 26.07 -1.29
CA LEU B 134 14.11 26.65 -2.50
C LEU B 134 12.67 27.12 -2.39
N LEU B 135 11.93 26.56 -1.43
CA LEU B 135 10.54 26.98 -1.24
C LEU B 135 10.37 28.48 -1.04
N PRO B 136 11.26 29.14 -0.25
CA PRO B 136 11.11 30.60 -0.14
C PRO B 136 11.25 31.37 -1.45
N ILE B 137 11.75 30.73 -2.50
CA ILE B 137 11.82 31.38 -3.81
C ILE B 137 10.97 30.67 -4.87
N MET B 138 9.90 30.02 -4.43
CA MET B 138 8.97 29.36 -5.36
C MET B 138 7.61 30.07 -5.44
N ASN B 139 7.08 30.17 -6.65
CA ASN B 139 5.76 30.76 -6.87
C ASN B 139 4.63 29.84 -6.44
N PRO B 140 3.51 30.41 -5.97
CA PRO B 140 2.34 29.56 -5.68
C PRO B 140 1.86 28.91 -6.96
N GLY B 141 1.41 27.66 -6.86
CA GLY B 141 1.03 26.90 -8.04
C GLY B 141 2.22 26.11 -8.55
N GLY B 142 3.33 26.24 -7.85
CA GLY B 142 4.58 25.60 -8.25
C GLY B 142 4.63 24.12 -7.95
N SER B 143 5.65 23.45 -8.46
CA SER B 143 5.72 21.99 -8.33
C SER B 143 7.15 21.50 -8.09
N ILE B 144 7.32 20.65 -7.09
CA ILE B 144 8.59 19.98 -6.83
C ILE B 144 8.44 18.49 -7.15
N VAL B 145 9.36 17.95 -7.95
CA VAL B 145 9.31 16.53 -8.35
C VAL B 145 10.62 15.80 -8.00
N GLY B 146 10.50 14.64 -7.37
CA GLY B 146 11.65 13.81 -7.07
C GLY B 146 11.57 12.47 -7.79
N MET B 147 12.69 11.77 -7.88
CA MET B 147 12.71 10.48 -8.58
C MET B 147 12.68 9.31 -7.62
N ASP B 148 11.81 8.35 -7.88
CA ASP B 148 11.58 7.21 -6.99
C ASP B 148 11.83 5.91 -7.76
N PHE B 149 12.08 4.84 -7.00
CA PHE B 149 12.15 3.49 -7.52
C PHE B 149 11.42 2.58 -6.57
N ASP B 150 10.31 2.00 -7.03
CA ASP B 150 9.33 1.32 -6.17
C ASP B 150 9.94 0.36 -5.15
N PRO B 151 9.92 0.75 -3.87
CA PRO B 151 10.53 0.02 -2.76
C PRO B 151 9.52 -0.78 -1.92
N SER B 152 8.29 -0.89 -2.40
CA SER B 152 7.22 -1.53 -1.61
C SER B 152 7.50 -3.02 -1.38
N ARG B 153 8.33 -3.60 -2.24
CA ARG B 153 8.80 -4.97 -2.07
C ARG B 153 10.31 -5.02 -2.11
N ALA B 154 10.90 -5.94 -1.35
CA ALA B 154 12.35 -6.09 -1.38
C ALA B 154 12.75 -6.68 -2.71
N MET B 155 13.93 -6.31 -3.21
CA MET B 155 14.42 -6.84 -4.47
C MET B 155 15.93 -7.07 -4.44
N PRO B 156 16.43 -8.06 -5.22
CA PRO B 156 17.86 -8.34 -5.20
C PRO B 156 18.68 -7.17 -5.73
N ALA B 157 19.92 -7.07 -5.25
CA ALA B 157 20.90 -6.06 -5.67
C ALA B 157 20.65 -4.65 -5.11
N TYR B 158 19.43 -4.14 -5.27
CA TYR B 158 19.14 -2.76 -4.88
C TYR B 158 19.30 -2.47 -3.38
N ASN B 159 19.00 -3.48 -2.56
CA ASN B 159 19.34 -3.47 -1.14
C ASN B 159 19.06 -2.17 -0.39
N TRP B 160 20.12 -1.47 0.02
CA TRP B 160 19.98 -0.26 0.83
C TRP B 160 19.48 0.96 0.06
N MET B 161 19.61 0.94 -1.27
CA MET B 161 19.02 1.99 -2.09
C MET B 161 17.50 1.87 -2.08
N THR B 162 17.00 0.65 -1.95
CA THR B 162 15.57 0.41 -1.82
C THR B 162 15.09 0.94 -0.49
N VAL B 163 15.86 0.68 0.57
CA VAL B 163 15.58 1.23 1.88
C VAL B 163 15.59 2.77 1.86
N ALA B 164 16.54 3.34 1.13
CA ALA B 164 16.62 4.79 1.01
C ALA B 164 15.41 5.35 0.28
N LYS B 165 14.91 4.59 -0.69
CA LYS B 165 13.75 5.01 -1.45
C LYS B 165 12.47 4.95 -0.61
N SER B 166 12.39 3.97 0.29
CA SER B 166 11.28 3.92 1.23
C SER B 166 11.27 5.17 2.09
N ALA B 167 12.45 5.55 2.56
CA ALA B 167 12.62 6.77 3.35
C ALA B 167 12.23 8.01 2.55
N LEU B 168 12.64 8.03 1.28
CA LEU B 168 12.32 9.14 0.38
C LEU B 168 10.82 9.30 0.20
N GLU B 169 10.13 8.18 0.07
CA GLU B 169 8.68 8.21 -0.08
C GLU B 169 8.05 8.85 1.15
N SER B 170 8.57 8.52 2.32
CA SER B 170 8.05 9.09 3.55
C SER B 170 8.36 10.58 3.64
N VAL B 171 9.58 10.95 3.23
CA VAL B 171 10.01 12.35 3.21
C VAL B 171 9.12 13.20 2.29
N ASN B 172 8.78 12.66 1.12
CA ASN B 172 7.92 13.37 0.17
C ASN B 172 6.59 13.77 0.77
N ARG B 173 6.03 12.90 1.61
CA ARG B 173 4.75 13.18 2.26
C ARG B 173 4.84 14.37 3.21
N PHE B 174 5.95 14.46 3.93
CA PHE B 174 6.17 15.56 4.87
C PHE B 174 6.55 16.85 4.16
N VAL B 175 7.29 16.74 3.06
CA VAL B 175 7.63 17.92 2.27
C VAL B 175 6.37 18.54 1.68
N ALA B 176 5.41 17.69 1.33
CA ALA B 176 4.14 18.15 0.80
C ALA B 176 3.39 18.97 1.84
N ARG B 177 3.48 18.57 3.10
CA ARG B 177 2.88 19.35 4.19
C ARG B 177 3.49 20.74 4.23
N GLU B 178 4.81 20.80 4.14
CA GLU B 178 5.50 22.09 4.19
C GLU B 178 5.26 22.92 2.94
N ALA B 179 5.28 22.28 1.79
CA ALA B 179 5.16 22.96 0.50
C ALA B 179 3.75 23.50 0.25
N GLY B 180 2.76 22.92 0.94
CA GLY B 180 1.38 23.36 0.80
C GLY B 180 1.19 24.79 1.26
N LYS B 181 1.97 25.19 2.27
CA LYS B 181 1.90 26.55 2.80
C LYS B 181 2.31 27.59 1.75
N TYR B 182 3.06 27.15 0.74
CA TYR B 182 3.50 28.01 -0.34
C TYR B 182 2.61 27.90 -1.57
N GLY B 183 1.58 27.05 -1.47
CA GLY B 183 0.74 26.72 -2.61
C GLY B 183 1.52 25.87 -3.61
N VAL B 184 2.45 25.08 -3.10
CA VAL B 184 3.34 24.27 -3.94
C VAL B 184 3.12 22.76 -3.73
N ARG B 185 3.10 22.01 -4.84
CA ARG B 185 2.95 20.55 -4.80
C ARG B 185 4.28 19.81 -4.67
N SER B 186 4.23 18.64 -4.04
CA SER B 186 5.43 17.79 -3.95
C SER B 186 5.05 16.36 -4.33
N ASN B 187 5.74 15.82 -5.33
CA ASN B 187 5.48 14.46 -5.78
C ASN B 187 6.73 13.73 -6.25
N LEU B 188 6.65 12.41 -6.28
CA LEU B 188 7.70 11.58 -6.82
C LEU B 188 7.19 10.90 -8.07
N VAL B 189 8.09 10.69 -9.04
CA VAL B 189 7.81 9.80 -10.16
C VAL B 189 8.60 8.52 -9.95
N ALA B 190 7.90 7.40 -9.81
CA ALA B 190 8.57 6.11 -9.64
C ALA B 190 8.80 5.47 -11.00
N ALA B 191 10.05 5.56 -11.46
CA ALA B 191 10.39 5.06 -12.80
C ALA B 191 10.80 3.59 -12.78
N GLY B 192 10.72 2.94 -13.94
CA GLY B 192 11.29 1.62 -14.13
C GLY B 192 12.78 1.78 -14.38
N PRO B 193 13.51 0.65 -14.48
CA PRO B 193 14.96 0.73 -14.65
C PRO B 193 15.40 1.41 -15.95
N ILE B 194 16.33 2.35 -15.85
CA ILE B 194 16.86 3.07 -17.00
C ILE B 194 18.38 2.90 -17.03
N ARG B 195 18.94 2.67 -18.21
CA ARG B 195 20.40 2.53 -18.32
C ARG B 195 21.13 3.86 -18.12
N THR B 196 21.34 4.22 -16.87
CA THR B 196 22.18 5.37 -16.56
C THR B 196 23.57 4.86 -16.18
N LEU B 197 24.48 5.79 -15.90
CA LEU B 197 25.90 5.48 -15.73
C LEU B 197 26.20 4.25 -14.88
N ALA B 198 25.63 4.20 -13.68
CA ALA B 198 25.87 3.06 -12.78
C ALA B 198 25.30 1.75 -13.32
N MET B 199 24.22 1.85 -14.09
CA MET B 199 23.57 0.67 -14.64
C MET B 199 24.37 0.14 -15.84
N SER B 200 24.86 1.06 -16.66
CA SER B 200 25.71 0.70 -17.78
C SER B 200 27.01 0.06 -17.32
N ALA B 201 27.51 0.52 -16.17
CA ALA B 201 28.73 -0.04 -15.61
C ALA B 201 28.50 -1.48 -15.18
N ILE B 202 27.39 -1.72 -14.49
CA ILE B 202 27.04 -3.07 -14.04
C ILE B 202 26.90 -4.00 -15.24
N VAL B 203 26.20 -3.54 -16.27
CA VAL B 203 26.04 -4.31 -17.51
C VAL B 203 27.41 -4.61 -18.12
N GLY B 204 28.32 -3.67 -17.97
CA GLY B 204 29.67 -3.80 -18.49
C GLY B 204 30.55 -4.76 -17.71
N GLY B 205 30.06 -5.22 -16.56
CA GLY B 205 30.78 -6.21 -15.77
C GLY B 205 31.46 -5.63 -14.54
N ALA B 206 31.15 -4.37 -14.22
CA ALA B 206 31.78 -3.69 -13.08
C ALA B 206 31.64 -4.45 -11.77
N LEU B 207 30.57 -5.23 -11.64
CA LEU B 207 30.33 -5.99 -10.43
C LEU B 207 30.43 -7.50 -10.72
N GLY B 208 31.09 -7.85 -11.82
CA GLY B 208 31.23 -9.24 -12.18
C GLY B 208 30.37 -9.63 -13.36
N GLU B 209 30.57 -10.84 -13.87
CA GLU B 209 29.87 -11.30 -15.07
C GLU B 209 28.40 -11.60 -14.81
N GLU B 210 28.11 -12.24 -13.68
CA GLU B 210 26.78 -12.72 -13.34
C GLU B 210 25.82 -11.54 -13.12
N ALA B 211 26.28 -10.53 -12.39
CA ALA B 211 25.50 -9.33 -12.10
C ALA B 211 25.07 -8.59 -13.35
N GLY B 212 25.92 -8.57 -14.36
CA GLY B 212 25.60 -7.90 -15.62
C GLY B 212 24.51 -8.63 -16.36
N ALA B 213 24.41 -9.94 -16.13
CA ALA B 213 23.33 -10.73 -16.70
C ALA B 213 22.05 -10.55 -15.86
N GLN B 214 22.22 -10.48 -14.55
CA GLN B 214 21.10 -10.27 -13.61
C GLN B 214 20.26 -9.04 -13.92
N ILE B 215 20.92 -7.94 -14.26
CA ILE B 215 20.22 -6.70 -14.54
C ILE B 215 19.42 -6.76 -15.85
N GLN B 216 20.00 -7.42 -16.85
CA GLN B 216 19.37 -7.60 -18.15
C GLN B 216 18.12 -8.46 -18.09
N LEU B 217 18.10 -9.41 -17.17
CA LEU B 217 16.92 -10.25 -16.94
C LEU B 217 15.85 -9.45 -16.22
N LEU B 218 16.29 -8.60 -15.30
CA LEU B 218 15.42 -7.70 -14.55
C LEU B 218 14.71 -6.78 -15.53
N GLU B 219 15.49 -6.21 -16.45
CA GLU B 219 14.98 -5.28 -17.43
C GLU B 219 14.02 -5.96 -18.39
N GLU B 220 14.29 -7.23 -18.68
CA GLU B 220 13.43 -7.96 -19.60
C GLU B 220 12.15 -8.43 -18.90
N GLY B 221 12.23 -8.74 -17.62
CA GLY B 221 11.04 -9.10 -16.86
C GLY B 221 10.14 -7.91 -16.60
N TRP B 222 10.74 -6.71 -16.61
CA TRP B 222 9.98 -5.48 -16.47
C TRP B 222 9.11 -5.29 -17.70
N ASP B 223 9.72 -5.47 -18.87
CA ASP B 223 9.04 -5.33 -20.14
C ASP B 223 7.90 -6.33 -20.32
N GLN B 224 8.07 -7.56 -19.83
CA GLN B 224 7.03 -8.58 -19.90
C GLN B 224 5.85 -8.13 -19.03
N ARG B 225 6.18 -7.72 -17.81
CA ARG B 225 5.18 -7.33 -16.82
C ARG B 225 4.42 -6.07 -17.22
N ALA B 226 5.12 -5.13 -17.85
CA ALA B 226 4.50 -3.88 -18.28
C ALA B 226 3.53 -4.18 -19.43
N PRO B 227 2.22 -3.95 -19.23
CA PRO B 227 1.22 -4.18 -20.27
C PRO B 227 1.48 -3.39 -21.54
N ILE B 228 2.11 -2.22 -21.41
CA ILE B 228 2.49 -1.40 -22.54
C ILE B 228 3.99 -1.46 -22.82
N GLY B 229 4.67 -2.41 -22.19
CA GLY B 229 6.09 -2.60 -22.38
C GLY B 229 6.96 -1.62 -21.63
N TRP B 230 8.25 -1.92 -21.56
CA TRP B 230 9.21 -1.03 -20.93
C TRP B 230 10.55 -1.01 -21.68
N ASN B 231 10.99 0.17 -22.10
CA ASN B 231 12.28 0.34 -22.76
C ASN B 231 13.29 1.00 -21.83
N MET B 232 14.25 0.21 -21.36
CA MET B 232 15.26 0.67 -20.39
C MET B 232 16.30 1.64 -20.96
N LYS B 233 16.29 1.84 -22.28
CA LYS B 233 17.22 2.76 -22.94
C LYS B 233 16.52 4.05 -23.32
N ASP B 234 15.23 4.15 -22.96
CA ASP B 234 14.46 5.35 -23.26
C ASP B 234 13.94 6.03 -22.00
N ALA B 235 14.52 7.18 -21.68
CA ALA B 235 14.17 7.92 -20.47
C ALA B 235 13.07 8.93 -20.76
N THR B 236 12.80 9.14 -22.05
CA THR B 236 11.82 10.13 -22.47
C THR B 236 10.41 9.95 -21.86
N PRO B 237 9.89 8.71 -21.80
CA PRO B 237 8.56 8.56 -21.20
C PRO B 237 8.48 9.03 -19.75
N VAL B 238 9.52 8.80 -18.95
CA VAL B 238 9.50 9.22 -17.55
C VAL B 238 9.73 10.73 -17.45
N ALA B 239 10.50 11.27 -18.38
CA ALA B 239 10.76 12.71 -18.41
C ALA B 239 9.46 13.47 -18.67
N LYS B 240 8.58 12.89 -19.49
CA LYS B 240 7.29 13.50 -19.78
C LYS B 240 6.36 13.49 -18.58
N THR B 241 6.44 12.42 -17.78
CA THR B 241 5.64 12.30 -16.58
C THR B 241 6.05 13.38 -15.61
N VAL B 242 7.35 13.64 -15.55
CA VAL B 242 7.90 14.68 -14.69
C VAL B 242 7.41 16.05 -15.14
N CYS B 243 7.44 16.30 -16.44
CA CYS B 243 6.96 17.56 -16.99
C CYS B 243 5.46 17.73 -16.78
N ALA B 244 4.75 16.61 -16.74
CA ALA B 244 3.31 16.64 -16.50
C ALA B 244 3.03 17.13 -15.09
N LEU B 245 3.81 16.64 -14.12
CA LEU B 245 3.70 17.08 -12.74
C LEU B 245 4.17 18.51 -12.56
N LEU B 246 5.08 18.95 -13.42
CA LEU B 246 5.55 20.34 -13.38
C LEU B 246 4.51 21.27 -13.99
N SER B 247 3.59 20.71 -14.78
CA SER B 247 2.57 21.51 -15.43
C SER B 247 1.40 21.82 -14.51
N ASP B 248 0.39 22.48 -15.05
CA ASP B 248 -0.80 22.83 -14.28
C ASP B 248 -1.89 21.77 -14.45
N TRP B 249 -1.52 20.62 -14.99
CA TRP B 249 -2.50 19.59 -15.33
C TRP B 249 -2.65 18.51 -14.26
N LEU B 250 -1.79 18.56 -13.24
CA LEU B 250 -1.99 17.74 -12.05
C LEU B 250 -2.06 18.64 -10.80
N PRO B 251 -3.07 19.52 -10.76
CA PRO B 251 -3.11 20.61 -9.77
C PRO B 251 -3.61 20.17 -8.39
N ALA B 252 -4.17 18.97 -8.30
CA ALA B 252 -4.72 18.49 -7.04
C ALA B 252 -4.00 17.26 -6.52
N THR B 253 -2.80 17.03 -7.02
CA THR B 253 -1.99 15.88 -6.61
C THR B 253 -0.73 16.37 -5.92
N THR B 254 -0.54 15.94 -4.67
CA THR B 254 0.64 16.30 -3.89
C THR B 254 0.91 15.24 -2.82
N GLY B 255 2.16 15.17 -2.35
CA GLY B 255 2.57 14.13 -1.43
C GLY B 255 2.43 12.73 -1.99
N ASP B 256 2.37 12.63 -3.32
CA ASP B 256 1.97 11.38 -3.98
C ASP B 256 3.05 10.77 -4.87
N ILE B 257 2.80 9.55 -5.34
CA ILE B 257 3.73 8.86 -6.23
C ILE B 257 3.06 8.47 -7.55
N ILE B 258 3.61 8.93 -8.66
CA ILE B 258 3.10 8.55 -9.98
C ILE B 258 4.06 7.58 -10.63
N TYR B 259 3.52 6.48 -11.10
CA TYR B 259 4.35 5.39 -11.63
C TYR B 259 4.55 5.51 -13.13
N ALA B 260 5.80 5.75 -13.50
CA ALA B 260 6.18 5.75 -14.91
C ALA B 260 7.03 4.51 -15.13
N ASP B 261 6.38 3.35 -15.07
CA ASP B 261 7.09 2.07 -15.15
C ASP B 261 6.44 1.11 -16.15
N GLY B 262 5.65 1.67 -17.05
CA GLY B 262 4.91 0.88 -18.03
C GLY B 262 3.76 0.09 -17.44
N GLY B 263 3.46 0.31 -16.16
CA GLY B 263 2.40 -0.43 -15.48
C GLY B 263 2.86 -1.74 -14.85
N ALA B 264 4.16 -1.94 -14.78
CA ALA B 264 4.71 -3.21 -14.28
C ALA B 264 4.37 -3.50 -12.81
N HIS B 265 4.27 -2.44 -12.01
CA HIS B 265 4.00 -2.61 -10.57
C HIS B 265 2.54 -3.00 -10.28
N THR B 266 1.69 -2.89 -11.29
CA THR B 266 0.28 -3.26 -11.15
C THR B 266 0.04 -4.70 -11.61
N GLN B 267 1.11 -5.38 -11.99
CA GLN B 267 1.00 -6.73 -12.52
C GLN B 267 1.92 -7.64 -11.73
N LEU B 268 1.44 -8.86 -11.46
CA LEU B 268 2.21 -9.83 -10.71
C LEU B 268 3.04 -10.71 -11.62
N LEU B 269 2.59 -10.87 -12.87
CA LEU B 269 3.30 -11.69 -13.84
C LEU B 269 2.88 -11.30 -15.26
N THR C 2 -2.12 26.03 -28.57
CA THR C 2 -2.06 24.65 -29.04
C THR C 2 -3.24 23.84 -28.55
N GLY C 3 -3.16 23.40 -27.29
CA GLY C 3 -4.19 22.58 -26.69
C GLY C 3 -3.63 21.24 -26.27
N LEU C 4 -3.96 20.81 -25.06
CA LEU C 4 -3.43 19.57 -24.50
C LEU C 4 -3.92 18.36 -25.29
N LEU C 5 -5.18 18.42 -25.71
CA LEU C 5 -5.82 17.30 -26.38
C LEU C 5 -6.13 17.65 -27.83
N ASP C 6 -5.26 18.45 -28.46
CA ASP C 6 -5.54 18.94 -29.80
C ASP C 6 -5.60 17.82 -30.83
N GLY C 7 -6.70 17.76 -31.56
CA GLY C 7 -6.90 16.75 -32.59
C GLY C 7 -7.25 15.37 -32.08
N LYS C 8 -7.56 15.26 -30.80
CA LYS C 8 -7.90 13.95 -30.24
C LYS C 8 -9.40 13.71 -30.24
N ARG C 9 -9.78 12.45 -30.48
CA ARG C 9 -11.19 12.08 -30.47
C ARG C 9 -11.50 11.25 -29.23
N ILE C 10 -12.42 11.73 -28.42
CA ILE C 10 -12.63 11.16 -27.10
C ILE C 10 -14.10 10.89 -26.79
N LEU C 11 -14.37 9.66 -26.35
CA LEU C 11 -15.69 9.26 -25.88
C LEU C 11 -15.78 9.66 -24.41
N VAL C 12 -16.85 10.35 -24.04
CA VAL C 12 -17.11 10.71 -22.66
C VAL C 12 -18.50 10.25 -22.22
N SER C 13 -18.55 9.41 -21.18
CA SER C 13 -19.82 8.90 -20.68
C SER C 13 -20.19 9.54 -19.34
N GLY C 14 -21.48 9.56 -19.02
CA GLY C 14 -21.89 9.90 -17.67
C GLY C 14 -22.30 11.33 -17.43
N ILE C 15 -22.52 12.10 -18.50
CA ILE C 15 -23.00 13.47 -18.31
C ILE C 15 -24.47 13.43 -17.95
N ILE C 16 -24.82 14.02 -16.82
CA ILE C 16 -26.22 14.09 -16.42
C ILE C 16 -26.66 15.48 -15.97
N THR C 17 -25.77 16.22 -15.33
CA THR C 17 -26.04 17.61 -15.00
C THR C 17 -24.87 18.45 -15.47
N ASP C 18 -25.00 19.77 -15.35
CA ASP C 18 -23.90 20.67 -15.63
C ASP C 18 -22.98 20.79 -14.42
N SER C 19 -23.28 19.98 -13.40
CA SER C 19 -22.44 19.86 -12.21
C SER C 19 -21.66 18.56 -12.18
N SER C 20 -22.04 17.61 -13.03
CA SER C 20 -21.35 16.32 -13.13
C SER C 20 -19.89 16.50 -13.48
N ILE C 21 -19.03 15.66 -12.88
CA ILE C 21 -17.61 15.71 -13.18
C ILE C 21 -17.37 15.43 -14.66
N ALA C 22 -18.19 14.53 -15.21
CA ALA C 22 -18.13 14.18 -16.62
C ALA C 22 -18.39 15.41 -17.48
N PHE C 23 -19.27 16.28 -17.00
CA PHE C 23 -19.57 17.51 -17.71
C PHE C 23 -18.34 18.39 -17.82
N HIS C 24 -17.60 18.52 -16.71
CA HIS C 24 -16.41 19.36 -16.69
C HIS C 24 -15.21 18.76 -17.41
N ILE C 25 -15.06 17.43 -17.32
CA ILE C 25 -14.06 16.74 -18.11
C ILE C 25 -14.30 17.05 -19.58
N ALA C 26 -15.56 16.88 -20.00
CA ALA C 26 -15.93 17.14 -21.38
C ALA C 26 -15.72 18.60 -21.78
N ARG C 27 -16.05 19.53 -20.88
CA ARG C 27 -15.86 20.96 -21.12
C ARG C 27 -14.38 21.29 -21.30
N VAL C 28 -13.55 20.81 -20.36
CA VAL C 28 -12.10 21.06 -20.41
C VAL C 28 -11.44 20.39 -21.61
N ALA C 29 -11.89 19.17 -21.91
CA ALA C 29 -11.40 18.46 -23.09
C ALA C 29 -11.62 19.28 -24.36
N GLN C 30 -12.81 19.85 -24.51
CA GLN C 30 -13.14 20.70 -25.65
C GLN C 30 -12.36 22.01 -25.64
N GLU C 31 -12.13 22.57 -24.46
CA GLU C 31 -11.32 23.77 -24.33
C GLU C 31 -9.87 23.49 -24.73
N GLN C 32 -9.47 22.22 -24.62
CA GLN C 32 -8.10 21.82 -24.93
C GLN C 32 -7.98 21.17 -26.31
N GLY C 33 -8.96 21.39 -27.17
CA GLY C 33 -8.87 21.00 -28.56
C GLY C 33 -9.39 19.61 -28.87
N ALA C 34 -10.00 18.95 -27.88
CA ALA C 34 -10.48 17.59 -28.11
C ALA C 34 -11.80 17.61 -28.89
N GLN C 35 -11.98 16.57 -29.70
CA GLN C 35 -13.20 16.41 -30.48
C GLN C 35 -13.98 15.27 -29.85
N LEU C 36 -15.19 15.55 -29.37
CA LEU C 36 -15.87 14.61 -28.47
C LEU C 36 -17.05 13.81 -29.05
N VAL C 37 -17.27 12.64 -28.47
CA VAL C 37 -18.50 11.87 -28.65
C VAL C 37 -19.06 11.61 -27.25
N LEU C 38 -20.35 11.85 -27.09
CA LEU C 38 -21.00 11.75 -25.79
C LEU C 38 -21.95 10.55 -25.69
N THR C 39 -22.11 10.02 -24.48
CA THR C 39 -23.13 8.99 -24.23
C THR C 39 -24.11 9.37 -23.11
N GLY C 40 -25.32 8.84 -23.22
CA GLY C 40 -26.39 9.11 -22.29
C GLY C 40 -27.15 7.83 -21.99
N PHE C 41 -27.93 7.82 -20.91
CA PHE C 41 -28.56 6.60 -20.43
C PHE C 41 -30.05 6.47 -20.72
N ASP C 42 -30.81 7.53 -20.47
CA ASP C 42 -32.23 7.53 -20.82
C ASP C 42 -32.75 8.85 -21.38
N ARG C 43 -32.69 9.89 -20.56
CA ARG C 43 -33.33 11.16 -20.87
C ARG C 43 -32.40 11.95 -21.77
N LEU C 44 -32.27 11.45 -23.00
CA LEU C 44 -31.33 11.99 -23.99
C LEU C 44 -31.72 13.40 -24.40
N ARG C 45 -33.01 13.70 -24.39
CA ARG C 45 -33.45 15.04 -24.70
C ARG C 45 -33.02 16.01 -23.62
N LEU C 46 -33.18 15.63 -22.36
CA LEU C 46 -32.68 16.43 -21.25
C LEU C 46 -31.16 16.57 -21.37
N ILE C 47 -30.50 15.44 -21.62
CA ILE C 47 -29.04 15.39 -21.70
C ILE C 47 -28.55 16.24 -22.88
N GLN C 48 -29.23 16.15 -24.01
CA GLN C 48 -28.88 16.97 -25.17
C GLN C 48 -28.95 18.46 -24.84
N ARG C 49 -29.97 18.85 -24.10
CA ARG C 49 -30.12 20.24 -23.66
C ARG C 49 -29.00 20.69 -22.71
N ILE C 50 -28.50 19.76 -21.90
CA ILE C 50 -27.33 20.01 -21.03
C ILE C 50 -26.01 20.03 -21.80
N THR C 51 -25.83 19.07 -22.70
CA THR C 51 -24.58 18.97 -23.47
C THR C 51 -24.51 20.12 -24.46
N ASP C 52 -25.65 20.80 -24.65
CA ASP C 52 -25.72 22.00 -25.48
C ASP C 52 -25.03 23.18 -24.78
N ARG C 53 -24.89 23.08 -23.46
CA ARG C 53 -24.29 24.15 -22.67
C ARG C 53 -22.77 24.07 -22.72
N LEU C 54 -22.27 22.96 -23.26
CA LEU C 54 -20.84 22.75 -23.49
C LEU C 54 -20.33 23.76 -24.50
N PRO C 55 -19.01 24.01 -24.52
CA PRO C 55 -18.47 24.99 -25.48
C PRO C 55 -18.68 24.61 -26.95
N ALA C 56 -18.83 23.33 -27.26
CA ALA C 56 -18.94 22.91 -28.65
C ALA C 56 -19.91 21.74 -28.87
N LYS C 57 -20.36 21.57 -30.10
CA LYS C 57 -21.30 20.53 -30.45
C LYS C 57 -20.58 19.19 -30.49
N ALA C 58 -21.29 18.12 -30.14
CA ALA C 58 -20.73 16.78 -30.12
C ALA C 58 -21.85 15.77 -30.21
N PRO C 59 -21.64 14.71 -31.01
CA PRO C 59 -22.64 13.64 -31.17
C PRO C 59 -22.98 12.98 -29.84
N LEU C 60 -24.25 12.66 -29.64
CA LEU C 60 -24.69 12.01 -28.42
C LEU C 60 -25.28 10.66 -28.77
N LEU C 61 -24.70 9.60 -28.22
CA LEU C 61 -25.14 8.26 -28.55
C LEU C 61 -25.80 7.65 -27.32
N GLU C 62 -26.83 6.83 -27.53
CA GLU C 62 -27.51 6.19 -26.42
C GLU C 62 -26.70 5.01 -25.92
N LEU C 63 -26.51 4.91 -24.60
CA LEU C 63 -25.77 3.79 -24.05
C LEU C 63 -26.26 3.36 -22.66
N ASP C 64 -26.92 2.21 -22.61
CA ASP C 64 -27.26 1.57 -21.36
C ASP C 64 -26.27 0.41 -21.20
N VAL C 65 -25.37 0.53 -20.22
CA VAL C 65 -24.30 -0.44 -20.06
C VAL C 65 -24.79 -1.78 -19.52
N GLN C 66 -26.06 -1.82 -19.11
CA GLN C 66 -26.69 -3.06 -18.70
C GLN C 66 -27.36 -3.75 -19.89
N ASN C 67 -27.38 -3.06 -21.02
CA ASN C 67 -27.95 -3.56 -22.26
C ASN C 67 -26.88 -4.12 -23.19
N GLU C 68 -26.88 -5.44 -23.41
CA GLU C 68 -25.87 -6.06 -24.26
C GLU C 68 -25.90 -5.63 -25.72
N GLU C 69 -27.08 -5.28 -26.23
CA GLU C 69 -27.17 -4.86 -27.63
C GLU C 69 -26.61 -3.46 -27.86
N HIS C 70 -26.72 -2.59 -26.86
CA HIS C 70 -26.10 -1.27 -26.92
C HIS C 70 -24.57 -1.38 -27.00
N LEU C 71 -24.02 -2.32 -26.23
CA LEU C 71 -22.58 -2.54 -26.20
C LEU C 71 -22.07 -3.11 -27.52
N ALA C 72 -22.83 -4.04 -28.07
CA ALA C 72 -22.49 -4.70 -29.33
C ALA C 72 -22.44 -3.75 -30.53
N SER C 73 -23.32 -2.74 -30.51
CA SER C 73 -23.42 -1.80 -31.63
C SER C 73 -22.60 -0.55 -31.40
N LEU C 74 -22.00 -0.43 -30.21
CA LEU C 74 -21.38 0.82 -29.77
C LEU C 74 -20.22 1.28 -30.67
N ALA C 75 -19.28 0.38 -30.92
CA ALA C 75 -18.10 0.70 -31.73
C ALA C 75 -18.55 1.17 -33.11
N GLY C 76 -19.52 0.46 -33.66
CA GLY C 76 -20.11 0.81 -34.95
C GLY C 76 -20.78 2.17 -34.93
N ARG C 77 -21.55 2.44 -33.88
CA ARG C 77 -22.24 3.73 -33.74
C ARG C 77 -21.24 4.86 -33.49
N VAL C 78 -20.16 4.55 -32.79
CA VAL C 78 -19.09 5.52 -32.58
C VAL C 78 -18.38 5.81 -33.91
N THR C 79 -18.05 4.76 -34.67
CA THR C 79 -17.38 4.91 -35.96
C THR C 79 -18.22 5.66 -37.00
N GLU C 80 -19.52 5.35 -37.08
CA GLU C 80 -20.40 6.08 -38.01
C GLU C 80 -20.56 7.54 -37.60
N ALA C 81 -20.45 7.83 -36.30
CA ALA C 81 -20.60 9.18 -35.74
C ALA C 81 -19.33 10.00 -35.88
N ILE C 82 -18.20 9.31 -35.96
CA ILE C 82 -16.88 9.95 -36.03
C ILE C 82 -16.35 9.94 -37.46
N GLY C 83 -17.02 9.20 -38.33
CA GLY C 83 -16.63 9.10 -39.73
C GLY C 83 -15.68 7.94 -39.91
N ALA C 84 -15.87 7.17 -40.98
CA ALA C 84 -15.04 5.99 -41.24
C ALA C 84 -13.58 6.36 -41.46
N GLY C 85 -12.67 5.50 -40.99
CA GLY C 85 -11.25 5.74 -41.11
C GLY C 85 -10.66 6.47 -39.91
N ASN C 86 -11.52 6.87 -38.99
CA ASN C 86 -11.10 7.55 -37.77
C ASN C 86 -11.35 6.69 -36.53
N LYS C 87 -10.44 6.79 -35.56
CA LYS C 87 -10.54 6.01 -34.34
C LYS C 87 -10.57 6.92 -33.10
N LEU C 88 -10.97 6.38 -31.96
CA LEU C 88 -10.94 7.12 -30.70
C LEU C 88 -9.53 7.15 -30.10
N ASP C 89 -9.15 8.29 -29.55
CA ASP C 89 -7.88 8.36 -28.82
C ASP C 89 -8.15 8.21 -27.32
N GLY C 90 -9.38 8.51 -26.90
CA GLY C 90 -9.71 8.49 -25.49
C GLY C 90 -11.11 7.98 -25.15
N VAL C 91 -11.23 7.38 -23.98
CA VAL C 91 -12.52 6.97 -23.45
C VAL C 91 -12.60 7.38 -21.98
N VAL C 92 -13.66 8.11 -21.61
CA VAL C 92 -13.87 8.46 -20.21
C VAL C 92 -15.09 7.74 -19.65
N HIS C 93 -14.85 6.92 -18.63
CA HIS C 93 -15.90 6.19 -17.95
C HIS C 93 -16.22 6.94 -16.66
N SER C 94 -17.33 7.67 -16.71
CA SER C 94 -17.77 8.42 -15.55
C SER C 94 -19.15 7.93 -15.16
N ILE C 95 -19.26 6.63 -14.99
CA ILE C 95 -20.55 6.03 -14.67
C ILE C 95 -20.42 5.33 -13.32
N GLY C 96 -21.40 5.55 -12.45
CA GLY C 96 -21.38 4.96 -11.13
C GLY C 96 -22.75 5.03 -10.51
N PHE C 97 -23.19 3.92 -9.92
CA PHE C 97 -24.49 3.86 -9.30
C PHE C 97 -24.54 2.85 -8.18
N MET C 98 -25.30 3.18 -7.14
CA MET C 98 -25.60 2.24 -6.07
C MET C 98 -26.92 2.66 -5.45
N PRO C 99 -27.88 1.74 -5.38
CA PRO C 99 -29.18 2.01 -4.76
C PRO C 99 -29.00 2.51 -3.34
N GLN C 100 -29.95 3.30 -2.82
CA GLN C 100 -29.85 3.87 -1.47
C GLN C 100 -29.66 2.79 -0.41
N THR C 101 -30.12 1.58 -0.73
CA THR C 101 -30.04 0.45 0.18
C THR C 101 -28.59 0.02 0.45
N GLY C 102 -27.70 0.28 -0.51
CA GLY C 102 -26.31 -0.13 -0.39
C GLY C 102 -25.37 1.02 -0.13
N MET C 103 -25.92 2.22 0.01
CA MET C 103 -25.12 3.43 0.19
C MET C 103 -25.88 4.53 0.91
N GLY C 104 -25.37 4.98 2.05
CA GLY C 104 -25.95 6.11 2.75
C GLY C 104 -26.15 5.94 4.25
N ILE C 105 -27.41 5.89 4.66
CA ILE C 105 -27.75 5.77 6.07
C ILE C 105 -28.29 4.36 6.37
N ASN C 106 -28.67 3.67 5.30
CA ASN C 106 -29.11 2.28 5.38
C ASN C 106 -27.94 1.42 5.86
N PRO C 107 -28.20 0.56 6.86
CA PRO C 107 -27.13 -0.28 7.44
C PRO C 107 -26.46 -1.15 6.38
N PHE C 108 -25.20 -1.48 6.61
CA PHE C 108 -24.39 -2.23 5.65
C PHE C 108 -24.98 -3.63 5.38
N PHE C 109 -25.46 -4.28 6.43
CA PHE C 109 -25.98 -5.65 6.35
C PHE C 109 -27.37 -5.74 5.71
N ASP C 110 -28.07 -4.61 5.59
CA ASP C 110 -29.46 -4.63 5.15
C ASP C 110 -29.59 -4.35 3.66
N ALA C 111 -28.47 -4.43 2.96
CA ALA C 111 -28.48 -4.25 1.51
C ALA C 111 -28.67 -5.60 0.84
N PRO C 112 -29.82 -5.79 0.17
CA PRO C 112 -30.04 -7.05 -0.54
C PRO C 112 -29.09 -7.18 -1.73
N TYR C 113 -28.71 -8.40 -2.06
CA TYR C 113 -27.68 -8.60 -3.08
C TYR C 113 -28.07 -8.10 -4.47
N ALA C 114 -29.36 -8.15 -4.77
CA ALA C 114 -29.85 -7.70 -6.08
C ALA C 114 -29.55 -6.22 -6.32
N ASP C 115 -29.52 -5.43 -5.23
CA ASP C 115 -29.20 -4.02 -5.32
C ASP C 115 -27.68 -3.79 -5.43
N VAL C 116 -26.91 -4.56 -4.65
CA VAL C 116 -25.45 -4.53 -4.71
C VAL C 116 -24.97 -4.95 -6.09
N SER C 117 -25.57 -6.01 -6.61
CA SER C 117 -25.20 -6.57 -7.92
C SER C 117 -25.41 -5.58 -9.05
N LYS C 118 -26.47 -4.78 -8.96
CA LYS C 118 -26.74 -3.75 -9.96
C LYS C 118 -25.71 -2.64 -9.91
N GLY C 119 -25.34 -2.24 -8.70
CA GLY C 119 -24.32 -1.23 -8.50
C GLY C 119 -22.97 -1.64 -9.04
N ILE C 120 -22.60 -2.90 -8.81
CA ILE C 120 -21.32 -3.42 -9.30
C ILE C 120 -21.37 -3.60 -10.82
N HIS C 121 -22.54 -3.96 -11.32
CA HIS C 121 -22.74 -4.07 -12.77
C HIS C 121 -22.43 -2.71 -13.40
N ILE C 122 -23.10 -1.69 -12.89
CA ILE C 122 -23.01 -0.35 -13.46
C ILE C 122 -21.67 0.31 -13.17
N SER C 123 -21.16 0.14 -11.96
CA SER C 123 -19.99 0.90 -11.51
C SER C 123 -18.65 0.22 -11.79
N ALA C 124 -18.65 -1.11 -11.84
CA ALA C 124 -17.40 -1.86 -11.97
C ALA C 124 -17.29 -2.69 -13.24
N TYR C 125 -18.22 -3.64 -13.42
CA TYR C 125 -18.20 -4.52 -14.58
C TYR C 125 -18.25 -3.74 -15.89
N SER C 126 -19.02 -2.65 -15.88
CA SER C 126 -19.23 -1.86 -17.09
C SER C 126 -17.95 -1.20 -17.61
N TYR C 127 -16.91 -1.11 -16.76
CA TYR C 127 -15.63 -0.59 -17.20
C TYR C 127 -14.98 -1.59 -18.15
N ALA C 128 -15.12 -2.87 -17.82
CA ALA C 128 -14.60 -3.92 -18.68
C ALA C 128 -15.44 -4.02 -19.96
N SER C 129 -16.75 -3.82 -19.82
CA SER C 129 -17.67 -3.86 -20.95
C SER C 129 -17.32 -2.83 -22.02
N MET C 130 -17.07 -1.61 -21.58
CA MET C 130 -16.79 -0.51 -22.51
C MET C 130 -15.42 -0.67 -23.15
N ALA C 131 -14.47 -1.17 -22.38
CA ALA C 131 -13.12 -1.37 -22.88
C ALA C 131 -13.12 -2.46 -23.96
N LYS C 132 -13.85 -3.53 -23.71
CA LYS C 132 -14.02 -4.62 -24.67
C LYS C 132 -14.59 -4.11 -25.99
N ALA C 133 -15.61 -3.27 -25.88
CA ALA C 133 -16.31 -2.76 -27.05
C ALA C 133 -15.49 -1.73 -27.83
N LEU C 134 -14.69 -0.95 -27.13
CA LEU C 134 -14.07 0.23 -27.74
C LEU C 134 -12.59 0.09 -28.09
N LEU C 135 -11.90 -0.86 -27.49
CA LEU C 135 -10.48 -1.06 -27.80
C LEU C 135 -10.15 -1.30 -29.30
N PRO C 136 -10.95 -2.11 -30.01
CA PRO C 136 -10.66 -2.32 -31.45
C PRO C 136 -10.72 -1.08 -32.34
N ILE C 137 -11.33 -0.01 -31.84
CA ILE C 137 -11.39 1.23 -32.60
C ILE C 137 -10.65 2.37 -31.89
N MET C 138 -9.63 2.02 -31.11
CA MET C 138 -8.79 3.02 -30.44
C MET C 138 -7.39 3.06 -31.06
N ASN C 139 -6.85 4.28 -31.19
CA ASN C 139 -5.50 4.49 -31.69
C ASN C 139 -4.44 4.12 -30.65
N PRO C 140 -3.27 3.68 -31.11
CA PRO C 140 -2.15 3.47 -30.18
C PRO C 140 -1.80 4.80 -29.52
N GLY C 141 -1.40 4.76 -28.26
CA GLY C 141 -1.14 5.98 -27.52
C GLY C 141 -2.41 6.47 -26.85
N GLY C 142 -3.49 5.70 -27.03
CA GLY C 142 -4.78 6.07 -26.50
C GLY C 142 -4.88 5.83 -25.01
N SER C 143 -5.96 6.31 -24.41
CA SER C 143 -6.13 6.24 -22.96
C SER C 143 -7.58 5.99 -22.55
N ILE C 144 -7.78 5.07 -21.62
CA ILE C 144 -9.10 4.89 -21.03
C ILE C 144 -9.03 5.34 -19.57
N VAL C 145 -9.94 6.22 -19.17
CA VAL C 145 -9.93 6.73 -17.81
C VAL C 145 -11.27 6.47 -17.14
N GLY C 146 -11.23 5.92 -15.93
CA GLY C 146 -12.43 5.75 -15.14
C GLY C 146 -12.34 6.57 -13.88
N MET C 147 -13.46 6.83 -13.23
CA MET C 147 -13.46 7.65 -12.02
C MET C 147 -13.52 6.77 -10.77
N ASP C 148 -12.68 7.07 -9.80
CA ASP C 148 -12.56 6.25 -8.60
C ASP C 148 -12.77 7.09 -7.35
N PHE C 149 -13.07 6.43 -6.23
CA PHE C 149 -13.08 7.06 -4.91
C PHE C 149 -12.39 6.10 -3.95
N ASP C 150 -11.25 6.53 -3.39
CA ASP C 150 -10.33 5.65 -2.65
C ASP C 150 -11.00 4.71 -1.65
N PRO C 151 -11.03 3.41 -1.98
CA PRO C 151 -11.72 2.41 -1.16
C PRO C 151 -10.76 1.62 -0.27
N SER C 152 -9.50 2.08 -0.18
CA SER C 152 -8.49 1.31 0.55
C SER C 152 -8.84 1.21 2.04
N ARG C 153 -9.61 2.18 2.53
CA ARG C 153 -10.11 2.11 3.90
C ARG C 153 -11.62 2.27 3.91
N ALA C 154 -12.29 1.58 4.82
CA ALA C 154 -13.74 1.72 4.95
C ALA C 154 -14.12 3.07 5.56
N MET C 155 -15.28 3.59 5.15
CA MET C 155 -15.79 4.84 5.66
C MET C 155 -17.30 4.73 5.79
N PRO C 156 -17.91 5.49 6.70
CA PRO C 156 -19.36 5.43 6.87
C PRO C 156 -20.10 5.87 5.60
N ALA C 157 -21.31 5.36 5.43
CA ALA C 157 -22.21 5.75 4.33
C ALA C 157 -21.89 5.22 2.93
N TYR C 158 -20.64 5.39 2.48
CA TYR C 158 -20.30 4.99 1.11
C TYR C 158 -20.50 3.48 0.91
N ASN C 159 -20.29 2.74 1.99
CA ASN C 159 -20.70 1.34 2.11
C ASN C 159 -20.43 0.43 0.91
N TRP C 160 -21.49 -0.02 0.24
CA TRP C 160 -21.31 -0.99 -0.84
C TRP C 160 -20.76 -0.35 -2.12
N MET C 161 -20.88 0.97 -2.23
CA MET C 161 -20.25 1.67 -3.35
C MET C 161 -18.73 1.66 -3.19
N THR C 162 -18.29 1.65 -1.94
CA THR C 162 -16.86 1.54 -1.63
C THR C 162 -16.38 0.15 -2.03
N VAL C 163 -17.20 -0.86 -1.75
CA VAL C 163 -16.94 -2.22 -2.19
C VAL C 163 -16.89 -2.26 -3.70
N ALA C 164 -17.79 -1.51 -4.33
CA ALA C 164 -17.84 -1.40 -5.80
C ALA C 164 -16.58 -0.76 -6.39
N LYS C 165 -16.00 0.22 -5.68
CA LYS C 165 -14.77 0.87 -6.14
C LYS C 165 -13.56 -0.04 -5.99
N SER C 166 -13.55 -0.85 -4.94
CA SER C 166 -12.49 -1.84 -4.76
C SER C 166 -12.49 -2.81 -5.93
N ALA C 167 -13.68 -3.23 -6.32
CA ALA C 167 -13.85 -4.12 -7.47
C ALA C 167 -13.38 -3.45 -8.77
N LEU C 168 -13.75 -2.17 -8.94
CA LEU C 168 -13.35 -1.38 -10.10
C LEU C 168 -11.83 -1.22 -10.25
N GLU C 169 -11.14 -1.02 -9.13
CA GLU C 169 -9.68 -0.92 -9.15
C GLU C 169 -9.06 -2.21 -9.66
N SER C 170 -9.62 -3.34 -9.22
CA SER C 170 -9.15 -4.64 -9.65
C SER C 170 -9.47 -4.83 -11.13
N VAL C 171 -10.67 -4.42 -11.52
CA VAL C 171 -11.10 -4.49 -12.92
C VAL C 171 -10.15 -3.70 -13.80
N ASN C 172 -9.79 -2.50 -13.36
CA ASN C 172 -8.87 -1.63 -14.10
C ASN C 172 -7.50 -2.24 -14.43
N ARG C 173 -6.97 -3.05 -13.52
CA ARG C 173 -5.69 -3.70 -13.73
C ARG C 173 -5.76 -4.71 -14.88
N PHE C 174 -6.87 -5.44 -14.97
CA PHE C 174 -7.07 -6.43 -16.03
C PHE C 174 -7.36 -5.81 -17.39
N VAL C 175 -8.07 -4.67 -17.39
CA VAL C 175 -8.32 -3.94 -18.63
C VAL C 175 -6.98 -3.43 -19.16
N ALA C 176 -6.08 -3.11 -18.23
CA ALA C 176 -4.73 -2.69 -18.60
C ALA C 176 -4.01 -3.81 -19.33
N ARG C 177 -4.22 -5.04 -18.88
CA ARG C 177 -3.69 -6.22 -19.58
C ARG C 177 -4.19 -6.37 -21.00
N GLU C 178 -5.49 -6.16 -21.20
CA GLU C 178 -6.10 -6.30 -22.52
C GLU C 178 -5.69 -5.17 -23.44
N ALA C 179 -5.68 -3.95 -22.90
CA ALA C 179 -5.45 -2.74 -23.67
C ALA C 179 -4.00 -2.53 -24.14
N GLY C 180 -3.05 -3.17 -23.47
CA GLY C 180 -1.65 -2.97 -23.80
C GLY C 180 -1.24 -3.35 -25.21
N LYS C 181 -1.85 -4.40 -25.76
CA LYS C 181 -1.58 -4.84 -27.13
C LYS C 181 -2.03 -3.80 -28.17
N TYR C 182 -2.94 -2.91 -27.74
CA TYR C 182 -3.43 -1.85 -28.60
C TYR C 182 -2.61 -0.60 -28.38
N GLY C 183 -1.66 -0.68 -27.44
CA GLY C 183 -0.89 0.49 -27.04
C GLY C 183 -1.75 1.50 -26.29
N VAL C 184 -2.73 0.99 -25.56
CA VAL C 184 -3.68 1.86 -24.85
C VAL C 184 -3.51 1.74 -23.34
N ARG C 185 -3.51 2.88 -22.66
CA ARG C 185 -3.41 2.90 -21.21
C ARG C 185 -4.81 2.83 -20.59
N SER C 186 -4.89 2.24 -19.41
CA SER C 186 -6.13 2.21 -18.65
C SER C 186 -5.76 2.59 -17.22
N ASN C 187 -6.39 3.66 -16.74
CA ASN C 187 -6.14 4.18 -15.40
C ASN C 187 -7.40 4.74 -14.80
N LEU C 188 -7.41 4.88 -13.47
CA LEU C 188 -8.51 5.50 -12.76
C LEU C 188 -8.00 6.80 -12.13
N VAL C 189 -8.87 7.80 -12.06
CA VAL C 189 -8.58 8.99 -11.27
C VAL C 189 -9.38 8.92 -9.98
N ALA C 190 -8.68 8.85 -8.86
CA ALA C 190 -9.35 8.80 -7.57
C ALA C 190 -9.55 10.21 -7.07
N ALA C 191 -10.77 10.72 -7.22
CA ALA C 191 -11.05 12.11 -6.86
C ALA C 191 -11.45 12.24 -5.39
N GLY C 192 -11.35 13.44 -4.84
CA GLY C 192 -11.93 13.72 -3.55
C GLY C 192 -13.42 13.95 -3.74
N PRO C 193 -14.15 14.10 -2.63
CA PRO C 193 -15.61 14.27 -2.70
C PRO C 193 -16.00 15.58 -3.39
N ILE C 194 -16.96 15.51 -4.32
CA ILE C 194 -17.43 16.73 -4.99
C ILE C 194 -18.94 16.91 -4.79
N ARG C 195 -19.34 18.15 -4.49
CA ARG C 195 -20.74 18.53 -4.31
C ARG C 195 -21.39 17.94 -3.06
N GLN C 214 -23.10 12.75 9.47
CA GLN C 214 -21.89 11.95 9.60
C GLN C 214 -21.02 12.07 8.34
N ILE C 215 -21.66 12.07 7.17
CA ILE C 215 -20.97 12.16 5.89
C ILE C 215 -20.32 13.54 5.68
N GLN C 216 -20.97 14.61 6.18
CA GLN C 216 -20.41 15.96 6.07
C GLN C 216 -19.10 16.05 6.83
N LEU C 217 -18.99 15.31 7.93
CA LEU C 217 -17.76 15.28 8.71
C LEU C 217 -16.68 14.53 7.97
N LEU C 218 -17.08 13.45 7.29
CA LEU C 218 -16.18 12.69 6.44
C LEU C 218 -15.61 13.56 5.33
N GLU C 219 -16.51 14.23 4.63
CA GLU C 219 -16.13 15.05 3.49
C GLU C 219 -15.31 16.31 3.87
N GLU C 220 -15.57 16.88 5.04
CA GLU C 220 -14.85 18.06 5.50
C GLU C 220 -13.45 17.73 6.00
N GLY C 221 -13.23 16.48 6.39
CA GLY C 221 -11.91 16.05 6.82
C GLY C 221 -10.89 16.08 5.70
N TRP C 222 -11.38 16.07 4.46
CA TRP C 222 -10.52 16.13 3.28
C TRP C 222 -9.73 17.43 3.18
N ASP C 223 -10.42 18.56 3.31
CA ASP C 223 -9.75 19.86 3.24
C ASP C 223 -8.74 20.02 4.38
N GLN C 224 -9.09 19.50 5.55
CA GLN C 224 -8.22 19.54 6.72
C GLN C 224 -6.97 18.72 6.45
N ARG C 225 -7.14 17.50 5.94
CA ARG C 225 -6.04 16.60 5.63
C ARG C 225 -5.16 17.09 4.47
N ALA C 226 -5.78 17.67 3.45
CA ALA C 226 -5.09 18.10 2.24
C ALA C 226 -4.11 19.26 2.43
N PRO C 227 -2.81 19.01 2.17
CA PRO C 227 -1.74 20.01 2.27
C PRO C 227 -2.00 21.24 1.39
N ILE C 228 -2.68 21.03 0.26
CA ILE C 228 -3.08 22.13 -0.62
C ILE C 228 -4.58 22.38 -0.55
N GLY C 229 -5.23 21.80 0.46
CA GLY C 229 -6.65 22.03 0.65
C GLY C 229 -7.51 21.26 -0.33
N TRP C 230 -8.81 21.22 -0.06
CA TRP C 230 -9.76 20.59 -0.96
C TRP C 230 -11.09 21.31 -1.00
N ASN C 231 -11.50 21.71 -2.19
CA ASN C 231 -12.80 22.38 -2.38
C ASN C 231 -13.80 21.44 -3.05
N MET C 232 -14.79 20.99 -2.27
CA MET C 232 -15.79 20.03 -2.73
C MET C 232 -16.74 20.59 -3.78
N LYS C 233 -16.67 21.90 -4.02
CA LYS C 233 -17.54 22.55 -5.00
C LYS C 233 -16.82 22.93 -6.30
N ASP C 234 -15.55 22.51 -6.40
CA ASP C 234 -14.73 22.79 -7.58
C ASP C 234 -14.34 21.49 -8.28
N ALA C 235 -14.93 21.25 -9.44
CA ALA C 235 -14.72 20.01 -10.16
C ALA C 235 -13.56 20.10 -11.14
N THR C 236 -13.10 21.33 -11.38
CA THR C 236 -12.01 21.57 -12.34
C THR C 236 -10.70 20.84 -12.07
N PRO C 237 -10.23 20.80 -10.80
CA PRO C 237 -8.96 20.12 -10.57
C PRO C 237 -8.95 18.64 -10.98
N VAL C 238 -10.04 17.93 -10.75
CA VAL C 238 -10.06 16.51 -11.12
C VAL C 238 -10.32 16.36 -12.63
N ALA C 239 -11.05 17.30 -13.20
CA ALA C 239 -11.32 17.29 -14.64
C ALA C 239 -10.05 17.50 -15.47
N LYS C 240 -9.14 18.33 -14.98
CA LYS C 240 -7.87 18.55 -15.68
C LYS C 240 -7.01 17.31 -15.60
N THR C 241 -7.05 16.65 -14.45
CA THR C 241 -6.24 15.45 -14.20
C THR C 241 -6.62 14.34 -15.17
N VAL C 242 -7.92 14.23 -15.44
CA VAL C 242 -8.43 13.23 -16.40
C VAL C 242 -7.91 13.57 -17.79
N CYS C 243 -7.93 14.86 -18.11
CA CYS C 243 -7.42 15.32 -19.39
C CYS C 243 -5.92 15.08 -19.53
N ALA C 244 -5.21 15.08 -18.40
CA ALA C 244 -3.79 14.78 -18.39
C ALA C 244 -3.53 13.33 -18.77
N LEU C 245 -4.33 12.42 -18.22
CA LEU C 245 -4.22 11.00 -18.57
C LEU C 245 -4.69 10.74 -20.00
N LEU C 246 -5.57 11.61 -20.50
CA LEU C 246 -6.02 11.50 -21.88
C LEU C 246 -4.92 12.00 -22.83
N SER C 247 -3.98 12.77 -22.28
CA SER C 247 -2.90 13.36 -23.07
C SER C 247 -1.76 12.38 -23.29
N ASP C 248 -0.71 12.87 -23.95
CA ASP C 248 0.47 12.07 -24.23
C ASP C 248 1.51 12.26 -23.13
N TRP C 249 1.11 12.87 -22.01
CA TRP C 249 2.08 13.26 -20.99
C TRP C 249 2.21 12.29 -19.81
N LEU C 250 1.36 11.26 -19.79
CA LEU C 250 1.53 10.14 -18.86
C LEU C 250 1.65 8.84 -19.65
N PRO C 251 2.68 8.71 -20.50
CA PRO C 251 2.74 7.63 -21.50
C PRO C 251 3.19 6.28 -20.96
N ALA C 252 3.72 6.24 -19.74
CA ALA C 252 4.24 5.00 -19.19
C ALA C 252 3.46 4.56 -17.94
N THR C 253 2.24 5.07 -17.80
CA THR C 253 1.38 4.75 -16.67
C THR C 253 0.13 4.02 -17.15
N THR C 254 -0.08 2.82 -16.63
CA THR C 254 -1.28 2.05 -16.95
C THR C 254 -1.62 1.07 -15.83
N GLY C 255 -2.89 0.67 -15.75
CA GLY C 255 -3.36 -0.17 -14.65
C GLY C 255 -3.25 0.50 -13.29
N ASP C 256 -3.16 1.83 -13.29
CA ASP C 256 -2.82 2.58 -12.09
C ASP C 256 -3.93 3.51 -11.64
N ILE C 257 -3.71 4.13 -10.48
CA ILE C 257 -4.65 5.08 -9.91
C ILE C 257 -3.96 6.41 -9.67
N ILE C 258 -4.52 7.48 -10.24
CA ILE C 258 -3.98 8.81 -10.04
C ILE C 258 -4.91 9.55 -9.09
N TYR C 259 -4.35 10.11 -8.03
CA TYR C 259 -5.15 10.74 -6.99
C TYR C 259 -5.34 12.24 -7.18
N ALA C 260 -6.59 12.65 -7.37
CA ALA C 260 -6.96 14.06 -7.41
C ALA C 260 -7.77 14.38 -6.15
N ASP C 261 -7.10 14.40 -5.00
CA ASP C 261 -7.76 14.57 -3.73
C ASP C 261 -7.10 15.63 -2.84
N GLY C 262 -6.29 16.49 -3.44
CA GLY C 262 -5.56 17.52 -2.70
C GLY C 262 -4.43 16.95 -1.86
N GLY C 263 -4.15 15.66 -2.04
CA GLY C 263 -3.11 14.99 -1.27
C GLY C 263 -3.61 14.43 0.05
N ALA C 264 -4.92 14.40 0.25
CA ALA C 264 -5.51 14.00 1.53
C ALA C 264 -5.22 12.54 1.90
N HIS C 265 -5.16 11.65 0.91
CA HIS C 265 -4.97 10.24 1.17
C HIS C 265 -3.54 9.91 1.60
N THR C 266 -2.64 10.89 1.47
CA THR C 266 -1.26 10.72 1.88
C THR C 266 -0.99 11.23 3.29
N GLN C 267 -2.03 11.74 3.94
CA GLN C 267 -1.90 12.33 5.28
C GLN C 267 -2.92 11.68 6.20
N LEU C 268 -2.52 11.45 7.45
CA LEU C 268 -3.41 10.83 8.42
C LEU C 268 -4.19 11.90 9.16
N LEU C 269 -3.50 13.00 9.47
CA LEU C 269 -4.10 14.12 10.17
C LEU C 269 -3.48 15.44 9.69
N THR D 2 -2.29 -27.82 26.98
CA THR D 2 -3.49 -26.98 27.04
C THR D 2 -4.28 -27.05 25.73
N GLY D 3 -3.99 -26.11 24.84
CA GLY D 3 -4.67 -26.02 23.55
C GLY D 3 -4.95 -24.57 23.19
N LEU D 4 -4.66 -24.22 21.94
CA LEU D 4 -4.78 -22.84 21.45
C LEU D 4 -6.21 -22.30 21.43
N LEU D 5 -7.16 -23.15 21.03
CA LEU D 5 -8.54 -22.76 20.89
C LEU D 5 -9.33 -23.53 21.93
N ASP D 6 -8.71 -23.78 23.07
CA ASP D 6 -9.28 -24.66 24.06
C ASP D 6 -10.57 -24.07 24.63
N GLY D 7 -11.64 -24.85 24.54
CA GLY D 7 -12.95 -24.45 25.04
C GLY D 7 -13.69 -23.45 24.15
N LYS D 8 -13.19 -23.23 22.94
CA LYS D 8 -13.84 -22.30 22.01
C LYS D 8 -14.76 -23.02 21.03
N ARG D 9 -15.86 -22.36 20.68
CA ARG D 9 -16.82 -22.91 19.71
C ARG D 9 -16.75 -22.17 18.39
N ILE D 10 -16.51 -22.91 17.31
CA ILE D 10 -16.20 -22.29 16.03
C ILE D 10 -16.99 -22.88 14.86
N LEU D 11 -17.56 -22.00 14.06
CA LEU D 11 -18.22 -22.40 12.82
C LEU D 11 -17.15 -22.52 11.75
N VAL D 12 -17.13 -23.64 11.03
CA VAL D 12 -16.19 -23.82 9.93
C VAL D 12 -16.96 -24.17 8.65
N SER D 13 -16.84 -23.31 7.65
CA SER D 13 -17.54 -23.50 6.39
C SER D 13 -16.57 -23.87 5.28
N GLY D 14 -17.08 -24.55 4.24
CA GLY D 14 -16.34 -24.73 3.01
C GLY D 14 -15.63 -26.07 2.87
N ILE D 15 -15.93 -27.03 3.74
CA ILE D 15 -15.33 -28.35 3.60
C ILE D 15 -16.05 -29.12 2.48
N ILE D 16 -15.28 -29.59 1.50
CA ILE D 16 -15.83 -30.41 0.43
C ILE D 16 -15.00 -31.67 0.19
N THR D 17 -13.68 -31.54 0.29
CA THR D 17 -12.78 -32.70 0.27
C THR D 17 -11.81 -32.61 1.43
N ASP D 18 -10.99 -33.65 1.62
CA ASP D 18 -9.98 -33.63 2.67
C ASP D 18 -8.72 -32.90 2.20
N SER D 19 -8.78 -32.32 1.01
CA SER D 19 -7.69 -31.50 0.51
C SER D 19 -8.07 -30.03 0.59
N SER D 20 -9.37 -29.76 0.71
CA SER D 20 -9.84 -28.38 0.87
C SER D 20 -9.23 -27.78 2.12
N ILE D 21 -8.85 -26.52 2.03
CA ILE D 21 -8.23 -25.80 3.13
C ILE D 21 -9.09 -25.74 4.39
N ALA D 22 -10.39 -25.65 4.21
CA ALA D 22 -11.33 -25.63 5.33
C ALA D 22 -11.21 -26.91 6.16
N PHE D 23 -10.91 -28.02 5.49
CA PHE D 23 -10.72 -29.30 6.15
C PHE D 23 -9.57 -29.26 7.14
N HIS D 24 -8.46 -28.67 6.72
CA HIS D 24 -7.26 -28.64 7.55
C HIS D 24 -7.43 -27.66 8.70
N ILE D 25 -8.14 -26.55 8.44
CA ILE D 25 -8.51 -25.59 9.47
C ILE D 25 -9.29 -26.29 10.57
N ALA D 26 -10.28 -27.09 10.17
CA ALA D 26 -11.12 -27.82 11.10
C ALA D 26 -10.33 -28.84 11.94
N ARG D 27 -9.40 -29.54 11.31
CA ARG D 27 -8.60 -30.54 12.01
C ARG D 27 -7.72 -29.91 13.10
N VAL D 28 -6.98 -28.87 12.74
CA VAL D 28 -6.08 -28.21 13.68
C VAL D 28 -6.86 -27.57 14.82
N ALA D 29 -7.99 -26.95 14.48
CA ALA D 29 -8.87 -26.38 15.49
C ALA D 29 -9.28 -27.43 16.51
N GLN D 30 -9.66 -28.61 16.01
CA GLN D 30 -10.06 -29.72 16.87
C GLN D 30 -8.87 -30.24 17.68
N GLU D 31 -7.70 -30.25 17.07
CA GLU D 31 -6.47 -30.64 17.77
C GLU D 31 -6.12 -29.67 18.89
N GLN D 32 -6.61 -28.43 18.77
CA GLN D 32 -6.34 -27.40 19.77
C GLN D 32 -7.50 -27.15 20.72
N GLY D 33 -8.42 -28.11 20.80
CA GLY D 33 -9.46 -28.08 21.82
C GLY D 33 -10.76 -27.35 21.48
N ALA D 34 -10.91 -26.93 20.23
CA ALA D 34 -12.13 -26.22 19.81
C ALA D 34 -13.27 -27.19 19.51
N GLN D 35 -14.50 -26.74 19.75
CA GLN D 35 -15.69 -27.52 19.41
C GLN D 35 -16.40 -26.88 18.22
N LEU D 36 -16.56 -27.67 17.15
CA LEU D 36 -16.92 -27.11 15.85
C LEU D 36 -18.38 -27.33 15.44
N VAL D 37 -18.84 -26.42 14.58
CA VAL D 37 -20.08 -26.62 13.85
C VAL D 37 -19.69 -26.51 12.39
N LEU D 38 -20.13 -27.47 11.58
CA LEU D 38 -19.74 -27.51 10.18
C LEU D 38 -20.93 -27.15 9.30
N THR D 39 -20.66 -26.49 8.17
CA THR D 39 -21.69 -26.21 7.18
C THR D 39 -21.31 -26.75 5.81
N GLY D 40 -22.32 -27.10 5.02
CA GLY D 40 -22.09 -27.65 3.70
C GLY D 40 -23.09 -27.13 2.70
N PHE D 41 -22.75 -27.24 1.42
CA PHE D 41 -23.55 -26.66 0.35
C PHE D 41 -24.29 -27.72 -0.47
N ARG D 43 -25.02 -30.87 -2.06
CA ARG D 43 -24.72 -32.28 -1.81
C ARG D 43 -24.18 -32.55 -0.40
N LEU D 44 -25.06 -32.47 0.59
CA LEU D 44 -24.68 -32.61 1.98
C LEU D 44 -24.19 -34.02 2.30
N ARG D 45 -24.68 -35.00 1.55
CA ARG D 45 -24.35 -36.40 1.79
C ARG D 45 -22.88 -36.75 1.57
N LEU D 46 -22.31 -36.25 0.47
CA LEU D 46 -20.88 -36.41 0.19
C LEU D 46 -20.00 -35.71 1.24
N ILE D 47 -20.38 -34.50 1.62
CA ILE D 47 -19.59 -33.70 2.55
C ILE D 47 -19.47 -34.42 3.89
N GLN D 48 -20.58 -35.01 4.33
CA GLN D 48 -20.61 -35.77 5.59
C GLN D 48 -19.58 -36.89 5.56
N ARG D 49 -19.43 -37.51 4.39
CA ARG D 49 -18.45 -38.57 4.18
C ARG D 49 -17.03 -38.04 4.38
N ILE D 50 -16.81 -36.79 3.98
CA ILE D 50 -15.51 -36.13 4.18
C ILE D 50 -15.26 -35.70 5.63
N THR D 51 -16.28 -35.14 6.26
CA THR D 51 -16.15 -34.61 7.62
C THR D 51 -16.02 -35.72 8.67
N ASP D 52 -16.28 -36.95 8.27
CA ASP D 52 -16.09 -38.10 9.15
C ASP D 52 -14.61 -38.39 9.39
N ARG D 53 -13.74 -37.90 8.50
CA ARG D 53 -12.31 -38.17 8.59
C ARG D 53 -11.58 -37.27 9.60
N LEU D 54 -12.28 -36.25 10.10
CA LEU D 54 -11.74 -35.39 11.17
C LEU D 54 -11.51 -36.19 12.46
N PRO D 55 -10.62 -35.68 13.33
CA PRO D 55 -10.37 -36.38 14.60
C PRO D 55 -11.61 -36.48 15.49
N ALA D 56 -12.58 -35.59 15.29
CA ALA D 56 -13.77 -35.58 16.13
C ALA D 56 -15.05 -35.27 15.36
N LYS D 57 -16.18 -35.64 15.95
CA LYS D 57 -17.49 -35.43 15.36
C LYS D 57 -17.91 -33.98 15.52
N ALA D 58 -18.71 -33.51 14.58
CA ALA D 58 -19.23 -32.15 14.64
C ALA D 58 -20.51 -32.13 13.82
N PRO D 59 -21.54 -31.44 14.35
CA PRO D 59 -22.80 -31.32 13.62
C PRO D 59 -22.59 -30.67 12.27
N LEU D 60 -23.28 -31.14 11.25
CA LEU D 60 -23.14 -30.56 9.92
C LEU D 60 -24.48 -30.01 9.47
N LEU D 61 -24.51 -28.71 9.21
CA LEU D 61 -25.75 -28.05 8.83
C LEU D 61 -25.70 -27.57 7.38
N GLU D 62 -26.84 -27.59 6.72
CA GLU D 62 -26.92 -27.16 5.34
C GLU D 62 -26.90 -25.64 5.30
N LEU D 63 -26.05 -25.09 4.45
CA LEU D 63 -25.96 -23.65 4.29
C LEU D 63 -25.57 -23.28 2.86
N ASP D 64 -26.55 -22.78 2.12
CA ASP D 64 -26.31 -22.19 0.82
C ASP D 64 -26.39 -20.71 1.06
N VAL D 65 -25.27 -20.02 0.87
CA VAL D 65 -25.18 -18.61 1.18
C VAL D 65 -25.95 -17.76 0.18
N GLN D 66 -26.41 -18.40 -0.90
CA GLN D 66 -27.29 -17.78 -1.86
C GLN D 66 -28.74 -18.02 -1.48
N ASN D 67 -28.95 -18.88 -0.48
CA ASN D 67 -30.30 -19.20 0.00
C ASN D 67 -30.58 -18.34 1.22
N GLU D 68 -31.51 -17.40 1.06
CA GLU D 68 -31.86 -16.48 2.13
C GLU D 68 -32.49 -17.14 3.34
N GLU D 69 -33.20 -18.24 3.10
CA GLU D 69 -33.93 -18.94 4.15
C GLU D 69 -32.97 -19.67 5.07
N HIS D 70 -31.89 -20.17 4.49
CA HIS D 70 -30.83 -20.85 5.24
C HIS D 70 -30.15 -19.89 6.20
N LEU D 71 -29.92 -18.67 5.73
CA LEU D 71 -29.28 -17.62 6.54
C LEU D 71 -30.19 -17.17 7.68
N ALA D 72 -31.48 -17.07 7.37
CA ALA D 72 -32.47 -16.68 8.37
C ALA D 72 -32.56 -17.70 9.50
N SER D 73 -32.40 -18.97 9.16
CA SER D 73 -32.53 -20.06 10.11
C SER D 73 -31.18 -20.46 10.69
N LEU D 74 -30.11 -19.87 10.16
CA LEU D 74 -28.75 -20.30 10.46
C LEU D 74 -28.41 -20.19 11.95
N ALA D 75 -28.66 -19.02 12.51
CA ALA D 75 -28.35 -18.76 13.92
C ALA D 75 -29.12 -19.71 14.84
N GLY D 76 -30.40 -19.92 14.53
CA GLY D 76 -31.22 -20.82 15.31
C GLY D 76 -30.70 -22.24 15.28
N ARG D 77 -30.29 -22.70 14.10
CA ARG D 77 -29.77 -24.06 13.92
C ARG D 77 -28.42 -24.32 14.60
N VAL D 78 -27.56 -23.30 14.63
CA VAL D 78 -26.26 -23.42 15.30
C VAL D 78 -26.46 -23.56 16.79
N THR D 79 -27.36 -22.74 17.33
CA THR D 79 -27.62 -22.70 18.77
C THR D 79 -28.15 -24.02 19.32
N GLU D 80 -29.05 -24.66 18.60
CA GLU D 80 -29.54 -25.99 19.00
C GLU D 80 -28.46 -27.08 18.94
N ALA D 81 -27.49 -26.89 18.06
CA ALA D 81 -26.41 -27.86 17.92
C ALA D 81 -25.38 -27.71 19.04
N ILE D 82 -25.21 -26.49 19.54
CA ILE D 82 -24.24 -26.19 20.59
C ILE D 82 -24.89 -26.02 21.96
N GLY D 83 -26.22 -25.99 21.98
CA GLY D 83 -26.96 -25.87 23.22
C GLY D 83 -27.26 -24.42 23.58
N ALA D 84 -28.48 -24.17 24.06
CA ALA D 84 -28.91 -22.82 24.42
C ALA D 84 -28.05 -22.28 25.57
N GLY D 85 -27.75 -21.00 25.52
CA GLY D 85 -26.90 -20.38 26.53
C GLY D 85 -25.44 -20.38 26.11
N ASN D 86 -25.16 -21.02 24.99
CA ASN D 86 -23.80 -21.07 24.45
C ASN D 86 -23.68 -20.32 23.12
N LYS D 87 -22.56 -19.64 22.93
CA LYS D 87 -22.34 -18.86 21.70
C LYS D 87 -21.09 -19.28 20.93
N LEU D 88 -20.99 -18.82 19.69
CA LEU D 88 -19.82 -19.08 18.87
C LEU D 88 -18.72 -18.11 19.29
N ASP D 89 -17.49 -18.62 19.36
CA ASP D 89 -16.34 -17.78 19.59
C ASP D 89 -15.64 -17.50 18.27
N GLY D 90 -15.89 -18.35 17.27
CA GLY D 90 -15.24 -18.22 15.99
C GLY D 90 -16.12 -18.57 14.79
N VAL D 91 -15.86 -17.90 13.67
CA VAL D 91 -16.51 -18.20 12.40
C VAL D 91 -15.46 -18.22 11.30
N VAL D 92 -15.40 -19.31 10.57
CA VAL D 92 -14.48 -19.42 9.43
C VAL D 92 -15.24 -19.47 8.12
N HIS D 93 -14.96 -18.50 7.26
CA HIS D 93 -15.56 -18.43 5.94
C HIS D 93 -14.54 -18.91 4.91
N SER D 94 -14.68 -20.17 4.49
CA SER D 94 -13.78 -20.72 3.49
C SER D 94 -14.54 -21.19 2.27
N ILE D 95 -15.42 -20.34 1.77
CA ILE D 95 -16.24 -20.64 0.61
C ILE D 95 -15.94 -19.61 -0.48
N GLY D 96 -15.76 -20.08 -1.69
CA GLY D 96 -15.43 -19.20 -2.79
C GLY D 96 -15.71 -19.96 -4.06
N PHE D 97 -16.34 -19.28 -5.00
CA PHE D 97 -16.67 -19.89 -6.27
C PHE D 97 -16.72 -18.87 -7.39
N MET D 98 -16.32 -19.31 -8.57
CA MET D 98 -16.42 -18.53 -9.78
C MET D 98 -16.53 -19.49 -10.96
N PRO D 99 -17.60 -19.32 -11.77
CA PRO D 99 -17.82 -20.13 -12.97
C PRO D 99 -16.61 -20.04 -13.92
N GLN D 100 -16.42 -21.06 -14.75
CA GLN D 100 -15.27 -21.08 -15.66
C GLN D 100 -15.20 -19.89 -16.61
N THR D 101 -16.35 -19.29 -16.89
CA THR D 101 -16.41 -18.14 -17.80
C THR D 101 -15.65 -16.95 -17.23
N GLY D 102 -15.57 -16.87 -15.90
CA GLY D 102 -14.91 -15.75 -15.24
C GLY D 102 -13.58 -16.10 -14.62
N MET D 103 -13.16 -17.36 -14.76
CA MET D 103 -11.92 -17.82 -14.15
C MET D 103 -11.34 -19.03 -14.87
N GLY D 104 -10.12 -18.89 -15.37
CA GLY D 104 -9.42 -20.01 -15.99
C GLY D 104 -8.78 -19.69 -17.32
N ILE D 105 -9.32 -20.29 -18.37
CA ILE D 105 -8.78 -20.12 -19.71
C ILE D 105 -9.69 -19.23 -20.53
N ASN D 106 -10.94 -19.07 -20.09
CA ASN D 106 -11.87 -18.18 -20.76
C ASN D 106 -11.35 -16.76 -20.59
N PRO D 107 -11.32 -15.98 -21.68
CA PRO D 107 -10.81 -14.61 -21.67
C PRO D 107 -11.55 -13.68 -20.70
N PHE D 108 -10.86 -12.65 -20.24
CA PHE D 108 -11.38 -11.72 -19.24
C PHE D 108 -12.64 -11.01 -19.71
N PHE D 109 -12.66 -10.59 -20.97
CA PHE D 109 -13.79 -9.83 -21.50
C PHE D 109 -15.02 -10.68 -21.80
N ASP D 110 -14.87 -11.99 -21.80
CA ASP D 110 -15.96 -12.87 -22.22
C ASP D 110 -16.74 -13.48 -21.05
N ALA D 111 -16.60 -12.89 -19.88
CA ALA D 111 -17.38 -13.33 -18.73
C ALA D 111 -18.68 -12.55 -18.68
N PRO D 112 -19.80 -13.25 -18.90
CA PRO D 112 -21.11 -12.57 -18.83
C PRO D 112 -21.38 -12.18 -17.38
N TYR D 113 -22.06 -11.05 -17.16
CA TYR D 113 -22.20 -10.53 -15.79
C TYR D 113 -22.94 -11.48 -14.86
N ALA D 114 -23.88 -12.24 -15.41
CA ALA D 114 -24.66 -13.19 -14.62
C ALA D 114 -23.75 -14.21 -13.95
N ASP D 115 -22.63 -14.54 -14.60
CA ASP D 115 -21.67 -15.47 -14.02
C ASP D 115 -20.76 -14.78 -13.00
N VAL D 116 -20.30 -13.57 -13.32
CA VAL D 116 -19.48 -12.79 -12.39
C VAL D 116 -20.25 -12.47 -11.11
N SER D 117 -21.50 -12.03 -11.30
CA SER D 117 -22.36 -11.65 -10.18
C SER D 117 -22.61 -12.81 -9.22
N LYS D 118 -22.71 -14.02 -9.77
CA LYS D 118 -22.86 -15.20 -8.95
C LYS D 118 -21.59 -15.48 -8.15
N GLY D 119 -20.44 -15.33 -8.80
CA GLY D 119 -19.17 -15.52 -8.15
C GLY D 119 -18.93 -14.53 -7.02
N ILE D 120 -19.30 -13.29 -7.24
CA ILE D 120 -19.12 -12.22 -6.25
C ILE D 120 -20.09 -12.41 -5.08
N HIS D 121 -21.28 -12.92 -5.38
CA HIS D 121 -22.28 -13.21 -4.35
C HIS D 121 -21.70 -14.19 -3.33
N ILE D 122 -21.20 -15.31 -3.83
CA ILE D 122 -20.72 -16.40 -3.00
C ILE D 122 -19.38 -16.06 -2.34
N SER D 123 -18.52 -15.38 -3.09
CA SER D 123 -17.14 -15.17 -2.65
C SER D 123 -16.94 -13.90 -1.83
N ALA D 124 -17.76 -12.88 -2.06
CA ALA D 124 -17.58 -11.60 -1.37
C ALA D 124 -18.75 -11.21 -0.47
N TYR D 125 -19.92 -11.05 -1.06
CA TYR D 125 -21.13 -10.65 -0.31
C TYR D 125 -21.49 -11.59 0.84
N SER D 126 -21.32 -12.90 0.62
CA SER D 126 -21.68 -13.90 1.60
C SER D 126 -20.87 -13.81 2.89
N TYR D 127 -19.73 -13.12 2.84
CA TYR D 127 -18.94 -12.90 4.05
C TYR D 127 -19.72 -11.97 4.97
N ALA D 128 -20.36 -10.97 4.37
CA ALA D 128 -21.21 -10.05 5.12
C ALA D 128 -22.51 -10.74 5.54
N SER D 129 -23.05 -11.59 4.66
CA SER D 129 -24.27 -12.35 4.95
C SER D 129 -24.09 -13.23 6.17
N MET D 130 -22.95 -13.91 6.21
CA MET D 130 -22.66 -14.86 7.29
C MET D 130 -22.39 -14.09 8.57
N ALA D 131 -21.75 -12.93 8.45
CA ALA D 131 -21.47 -12.07 9.60
C ALA D 131 -22.78 -11.51 10.16
N LYS D 132 -23.66 -11.07 9.27
CA LYS D 132 -24.97 -10.56 9.65
C LYS D 132 -25.77 -11.62 10.42
N ALA D 133 -25.75 -12.83 9.90
CA ALA D 133 -26.52 -13.94 10.48
C ALA D 133 -25.97 -14.46 11.81
N LEU D 134 -24.65 -14.41 11.98
CA LEU D 134 -23.99 -15.07 13.11
C LEU D 134 -23.51 -14.15 14.24
N LEU D 135 -23.29 -12.86 13.94
CA LEU D 135 -22.82 -11.91 14.97
C LEU D 135 -23.70 -11.81 16.24
N PRO D 136 -25.04 -11.83 16.09
CA PRO D 136 -25.89 -11.80 17.29
C PRO D 136 -25.70 -12.97 18.25
N ILE D 137 -25.08 -14.05 17.80
CA ILE D 137 -24.80 -15.20 18.67
C ILE D 137 -23.30 -15.43 18.83
N MET D 138 -22.53 -14.34 18.73
CA MET D 138 -21.08 -14.42 18.95
C MET D 138 -20.66 -13.74 20.24
N ASN D 139 -19.73 -14.36 20.95
CA ASN D 139 -19.17 -13.80 22.17
C ASN D 139 -18.15 -12.70 21.85
N PRO D 140 -18.06 -11.70 22.75
CA PRO D 140 -17.01 -10.69 22.63
C PRO D 140 -15.64 -11.33 22.78
N GLY D 141 -14.66 -10.84 22.03
CA GLY D 141 -13.34 -11.45 21.98
C GLY D 141 -13.33 -12.48 20.88
N GLY D 142 -14.47 -12.61 20.21
CA GLY D 142 -14.66 -13.60 19.16
C GLY D 142 -13.98 -13.19 17.87
N SER D 143 -13.95 -14.11 16.91
CA SER D 143 -13.22 -13.88 15.67
C SER D 143 -13.92 -14.44 14.44
N ILE D 144 -13.98 -13.62 13.39
CA ILE D 144 -14.42 -14.07 12.09
C ILE D 144 -13.21 -14.03 11.18
N VAL D 145 -12.94 -15.16 10.52
CA VAL D 145 -11.79 -15.26 9.63
C VAL D 145 -12.28 -15.70 8.25
N GLY D 146 -11.90 -14.96 7.23
CA GLY D 146 -12.26 -15.33 5.87
C GLY D 146 -11.03 -15.65 5.05
N MET D 147 -11.22 -16.35 3.93
CA MET D 147 -10.09 -16.75 3.11
C MET D 147 -9.90 -15.84 1.89
N ASP D 148 -8.66 -15.40 1.71
CA ASP D 148 -8.31 -14.43 0.68
C ASP D 148 -7.18 -14.93 -0.22
N PHE D 149 -7.06 -14.33 -1.41
CA PHE D 149 -5.91 -14.54 -2.29
C PHE D 149 -5.53 -13.18 -2.83
N ASP D 150 -4.32 -12.72 -2.51
CA ASP D 150 -3.87 -11.32 -2.75
C ASP D 150 -4.20 -10.79 -4.14
N PRO D 151 -5.18 -9.86 -4.21
CA PRO D 151 -5.71 -9.31 -5.46
C PRO D 151 -5.14 -7.94 -5.81
N SER D 152 -4.11 -7.49 -5.08
CA SER D 152 -3.56 -6.15 -5.27
C SER D 152 -2.93 -5.96 -6.65
N ARG D 153 -2.53 -7.07 -7.27
CA ARG D 153 -1.98 -7.06 -8.62
C ARG D 153 -2.72 -8.04 -9.54
N ALA D 154 -2.86 -7.67 -10.81
CA ALA D 154 -3.49 -8.55 -11.78
C ALA D 154 -2.54 -9.71 -12.11
N MET D 155 -3.12 -10.87 -12.37
CA MET D 155 -2.35 -12.06 -12.71
C MET D 155 -3.17 -12.85 -13.72
N PRO D 156 -2.50 -13.66 -14.55
CA PRO D 156 -3.21 -14.46 -15.56
C PRO D 156 -4.16 -15.48 -14.92
N ALA D 157 -5.21 -15.85 -15.66
CA ALA D 157 -6.15 -16.92 -15.28
C ALA D 157 -7.16 -16.57 -14.19
N TYR D 158 -6.68 -16.06 -13.06
CA TYR D 158 -7.55 -15.82 -11.90
C TYR D 158 -8.65 -14.81 -12.21
N ASN D 159 -8.34 -13.87 -13.10
CA ASN D 159 -9.33 -12.97 -13.71
C ASN D 159 -10.36 -12.35 -12.76
N TRP D 160 -11.62 -12.74 -12.92
CA TRP D 160 -12.73 -12.15 -12.17
C TRP D 160 -12.84 -12.61 -10.72
N MET D 161 -12.22 -13.74 -10.38
CA MET D 161 -12.16 -14.18 -8.99
C MET D 161 -11.26 -13.23 -8.20
N THR D 162 -10.28 -12.65 -8.88
CA THR D 162 -9.41 -11.65 -8.29
C THR D 162 -10.21 -10.38 -7.99
N VAL D 163 -11.08 -10.03 -8.93
CA VAL D 163 -12.00 -8.92 -8.76
C VAL D 163 -12.90 -9.22 -7.57
N ALA D 164 -13.31 -10.49 -7.46
CA ALA D 164 -14.13 -10.93 -6.34
C ALA D 164 -13.37 -10.85 -5.02
N LYS D 165 -12.07 -11.13 -5.05
CA LYS D 165 -11.23 -11.05 -3.84
C LYS D 165 -10.98 -9.60 -3.41
N SER D 166 -10.84 -8.71 -4.38
CA SER D 166 -10.72 -7.29 -4.09
C SER D 166 -11.97 -6.81 -3.38
N ALA D 167 -13.12 -7.26 -3.88
CA ALA D 167 -14.41 -6.93 -3.26
C ALA D 167 -14.47 -7.46 -1.83
N LEU D 168 -14.02 -8.70 -1.64
CA LEU D 168 -14.00 -9.32 -0.31
C LEU D 168 -13.14 -8.54 0.70
N GLU D 169 -12.01 -8.02 0.24
CA GLU D 169 -11.13 -7.23 1.11
C GLU D 169 -11.83 -5.96 1.61
N SER D 170 -12.57 -5.31 0.73
CA SER D 170 -13.35 -4.14 1.10
C SER D 170 -14.51 -4.54 2.01
N VAL D 171 -15.14 -5.67 1.69
CA VAL D 171 -16.22 -6.20 2.52
C VAL D 171 -15.74 -6.46 3.94
N ASN D 172 -14.57 -7.08 4.06
CA ASN D 172 -13.97 -7.37 5.38
C ASN D 172 -13.78 -6.15 6.29
N ARG D 173 -13.43 -5.01 5.70
CA ARG D 173 -13.28 -3.77 6.46
C ARG D 173 -14.60 -3.29 7.06
N PHE D 174 -15.68 -3.39 6.29
CA PHE D 174 -17.00 -2.94 6.73
C PHE D 174 -17.61 -3.90 7.75
N VAL D 175 -17.32 -5.19 7.60
CA VAL D 175 -17.76 -6.20 8.55
C VAL D 175 -17.05 -5.97 9.88
N ALA D 176 -15.80 -5.48 9.81
CA ALA D 176 -15.03 -5.18 11.00
C ALA D 176 -15.65 -4.04 11.81
N ARG D 177 -16.19 -3.04 11.11
CA ARG D 177 -16.91 -1.94 11.75
C ARG D 177 -18.12 -2.48 12.50
N GLU D 178 -18.86 -3.37 11.85
CA GLU D 178 -20.06 -3.95 12.43
C GLU D 178 -19.73 -4.88 13.59
N ALA D 179 -18.66 -5.66 13.41
CA ALA D 179 -18.29 -6.65 14.41
C ALA D 179 -17.69 -6.02 15.66
N GLY D 180 -17.21 -4.78 15.53
CA GLY D 180 -16.62 -4.05 16.63
C GLY D 180 -17.59 -3.79 17.76
N LYS D 181 -18.86 -3.62 17.40
CA LYS D 181 -19.94 -3.40 18.34
C LYS D 181 -20.12 -4.59 19.28
N TYR D 182 -19.71 -5.76 18.80
CA TYR D 182 -19.82 -6.98 19.57
C TYR D 182 -18.50 -7.35 20.23
N GLY D 183 -17.47 -6.55 19.98
CA GLY D 183 -16.13 -6.87 20.45
C GLY D 183 -15.59 -8.07 19.70
N VAL D 184 -15.98 -8.20 18.43
CA VAL D 184 -15.57 -9.31 17.60
C VAL D 184 -14.67 -8.80 16.49
N ARG D 185 -13.58 -9.52 16.24
CA ARG D 185 -12.65 -9.16 15.17
C ARG D 185 -13.05 -9.81 13.85
N SER D 186 -12.73 -9.15 12.74
CA SER D 186 -12.96 -9.70 11.41
C SER D 186 -11.70 -9.50 10.59
N ASN D 187 -11.14 -10.61 10.09
CA ASN D 187 -9.90 -10.55 9.32
C ASN D 187 -9.87 -11.57 8.21
N LEU D 188 -9.01 -11.36 7.22
CA LEU D 188 -8.82 -12.35 6.16
C LEU D 188 -7.42 -12.95 6.21
N VAL D 189 -7.31 -14.22 5.84
CA VAL D 189 -6.00 -14.81 5.62
C VAL D 189 -5.73 -14.95 4.13
N ALA D 190 -4.71 -14.25 3.65
CA ALA D 190 -4.31 -14.33 2.25
C ALA D 190 -3.28 -15.43 2.10
N ALA D 191 -3.73 -16.59 1.64
CA ALA D 191 -2.86 -17.76 1.53
C ALA D 191 -2.14 -17.78 0.19
N GLY D 192 -1.03 -18.52 0.13
CA GLY D 192 -0.41 -18.79 -1.14
C GLY D 192 -1.21 -19.92 -1.77
N PRO D 193 -0.89 -20.26 -3.02
CA PRO D 193 -1.62 -21.29 -3.75
C PRO D 193 -1.50 -22.65 -3.06
N ILE D 194 -2.60 -23.38 -2.94
CA ILE D 194 -2.60 -24.69 -2.31
C ILE D 194 -3.08 -25.79 -3.25
N GLU D 219 3.06 -19.80 -10.32
CA GLU D 219 2.55 -20.81 -9.40
C GLU D 219 3.70 -21.54 -8.69
N GLU D 220 4.73 -21.91 -9.44
CA GLU D 220 5.92 -22.52 -8.84
C GLU D 220 6.94 -21.48 -8.37
N GLY D 221 6.87 -20.31 -8.98
CA GLY D 221 7.70 -19.18 -8.64
C GLY D 221 7.41 -18.67 -7.24
N TRP D 222 6.32 -19.17 -6.67
CA TRP D 222 5.92 -18.80 -5.31
C TRP D 222 6.97 -19.28 -4.30
N ASP D 223 7.41 -20.52 -4.45
CA ASP D 223 8.41 -21.11 -3.58
C ASP D 223 9.72 -20.32 -3.69
N GLN D 224 10.01 -19.84 -4.88
CA GLN D 224 11.20 -19.02 -5.15
C GLN D 224 11.15 -17.66 -4.44
N ARG D 225 10.02 -16.96 -4.57
CA ARG D 225 9.87 -15.63 -3.97
C ARG D 225 9.85 -15.67 -2.44
N ALA D 226 9.22 -16.69 -1.88
CA ALA D 226 9.08 -16.82 -0.44
C ALA D 226 10.42 -17.08 0.23
N PRO D 227 10.86 -16.14 1.10
CA PRO D 227 12.13 -16.27 1.83
C PRO D 227 12.20 -17.56 2.65
N ILE D 228 11.06 -18.06 3.09
CA ILE D 228 11.02 -19.33 3.82
C ILE D 228 10.44 -20.48 3.00
N GLY D 229 10.32 -20.27 1.68
CA GLY D 229 9.80 -21.28 0.78
C GLY D 229 8.29 -21.41 0.83
N TRP D 230 7.74 -22.10 -0.16
CA TRP D 230 6.31 -22.40 -0.20
C TRP D 230 6.03 -23.78 -0.76
N ASN D 231 5.32 -24.59 0.02
CA ASN D 231 4.87 -25.93 -0.38
C ASN D 231 3.37 -25.93 -0.66
N MET D 232 3.00 -26.00 -1.94
CA MET D 232 1.59 -25.97 -2.34
C MET D 232 0.82 -27.24 -1.97
N LYS D 233 1.52 -28.26 -1.48
CA LYS D 233 0.89 -29.52 -1.11
C LYS D 233 0.73 -29.65 0.39
N ASP D 234 1.12 -28.62 1.13
CA ASP D 234 0.99 -28.60 2.59
C ASP D 234 0.09 -27.45 3.03
N ALA D 235 -1.12 -27.77 3.47
CA ALA D 235 -2.10 -26.75 3.80
C ALA D 235 -2.06 -26.33 5.28
N THR D 236 -1.34 -27.09 6.10
CA THR D 236 -1.25 -26.82 7.53
C THR D 236 -0.71 -25.44 7.95
N PRO D 237 0.34 -24.93 7.27
CA PRO D 237 0.84 -23.62 7.70
C PRO D 237 -0.23 -22.53 7.65
N VAL D 238 -1.09 -22.57 6.63
CA VAL D 238 -2.15 -21.59 6.53
C VAL D 238 -3.31 -21.92 7.48
N ALA D 239 -3.53 -23.20 7.75
CA ALA D 239 -4.56 -23.60 8.69
C ALA D 239 -4.19 -23.12 10.10
N LYS D 240 -2.90 -23.13 10.39
CA LYS D 240 -2.39 -22.67 11.68
C LYS D 240 -2.57 -21.16 11.82
N THR D 241 -2.39 -20.45 10.71
CA THR D 241 -2.54 -19.01 10.66
C THR D 241 -3.98 -18.61 10.95
N VAL D 242 -4.91 -19.38 10.43
CA VAL D 242 -6.34 -19.15 10.69
C VAL D 242 -6.62 -19.35 12.17
N CYS D 243 -6.08 -20.43 12.72
CA CYS D 243 -6.28 -20.74 14.13
C CYS D 243 -5.69 -19.67 15.05
N ALA D 244 -4.64 -19.00 14.58
CA ALA D 244 -4.04 -17.92 15.35
C ALA D 244 -5.00 -16.73 15.48
N LEU D 245 -5.64 -16.37 14.37
CA LEU D 245 -6.60 -15.28 14.36
C LEU D 245 -7.86 -15.65 15.14
N LEU D 246 -8.12 -16.95 15.22
CA LEU D 246 -9.26 -17.47 15.99
C LEU D 246 -8.95 -17.46 17.48
N SER D 247 -7.66 -17.36 17.81
CA SER D 247 -7.22 -17.35 19.20
C SER D 247 -7.33 -15.96 19.80
N ASP D 248 -6.89 -15.84 21.05
CA ASP D 248 -6.88 -14.58 21.74
C ASP D 248 -5.51 -13.88 21.58
N TRP D 249 -4.69 -14.39 20.66
CA TRP D 249 -3.31 -13.91 20.53
C TRP D 249 -3.12 -12.84 19.47
N LEU D 250 -4.19 -12.55 18.73
CA LEU D 250 -4.21 -11.40 17.85
C LEU D 250 -5.39 -10.53 18.26
N PRO D 251 -5.36 -10.01 19.50
CA PRO D 251 -6.56 -9.37 20.07
C PRO D 251 -6.80 -7.96 19.57
N ALA D 252 -5.83 -7.37 18.91
CA ALA D 252 -5.94 -5.98 18.47
C ALA D 252 -5.89 -5.84 16.96
N THR D 253 -6.19 -6.92 16.25
CA THR D 253 -6.16 -6.91 14.79
C THR D 253 -7.57 -7.12 14.24
N THR D 254 -8.05 -6.17 13.43
CA THR D 254 -9.38 -6.32 12.82
C THR D 254 -9.47 -5.54 11.50
N GLY D 255 -10.36 -5.96 10.63
CA GLY D 255 -10.46 -5.37 9.30
C GLY D 255 -9.20 -5.56 8.48
N ASP D 256 -8.40 -6.57 8.83
CA ASP D 256 -7.04 -6.69 8.31
C ASP D 256 -6.81 -7.95 7.49
N ILE D 257 -5.64 -8.02 6.85
CA ILE D 257 -5.25 -9.20 6.07
C ILE D 257 -3.94 -9.75 6.58
N ILE D 258 -3.94 -11.04 6.94
CA ILE D 258 -2.72 -11.70 7.36
C ILE D 258 -2.25 -12.63 6.26
N TYR D 259 -0.99 -12.50 5.87
CA TYR D 259 -0.45 -13.23 4.73
C TYR D 259 0.25 -14.53 5.12
N ALA D 260 -0.31 -15.65 4.67
CA ALA D 260 0.35 -16.94 4.82
C ALA D 260 0.78 -17.46 3.46
N ASP D 261 1.79 -16.81 2.88
CA ASP D 261 2.23 -17.13 1.53
C ASP D 261 3.75 -17.32 1.50
N GLY D 262 4.32 -17.61 2.68
CA GLY D 262 5.76 -17.76 2.81
C GLY D 262 6.51 -16.45 2.69
N GLY D 263 5.79 -15.33 2.66
CA GLY D 263 6.41 -14.03 2.50
C GLY D 263 6.62 -13.62 1.06
N ALA D 264 6.01 -14.36 0.13
CA ALA D 264 6.21 -14.11 -1.29
C ALA D 264 5.70 -12.75 -1.76
N HIS D 265 4.62 -12.27 -1.16
CA HIS D 265 4.04 -10.99 -1.58
C HIS D 265 4.90 -9.80 -1.17
N THR D 266 5.89 -10.05 -0.32
CA THR D 266 6.79 -8.99 0.13
C THR D 266 8.06 -8.93 -0.71
N GLN D 267 8.16 -9.79 -1.72
CA GLN D 267 9.40 -9.89 -2.48
C GLN D 267 9.19 -9.77 -3.99
N LEU D 268 10.07 -9.02 -4.63
CA LEU D 268 10.11 -8.95 -6.10
C LEU D 268 11.29 -9.77 -6.62
N LEU D 269 10.98 -10.83 -7.37
CA LEU D 269 11.97 -11.75 -7.93
C LEU D 269 12.77 -12.55 -6.88
PA NAD E . 10.76 2.95 25.10
O1A NAD E . 11.44 4.22 25.45
O2A NAD E . 10.12 2.31 26.25
O5B NAD E . 11.83 1.96 24.45
C5B NAD E . 12.81 2.40 23.55
C4B NAD E . 14.10 1.71 23.94
O4B NAD E . 15.14 1.92 23.00
C3B NAD E . 14.62 2.25 25.28
O3B NAD E . 14.69 1.22 26.23
C2B NAD E . 16.01 2.72 24.98
O2B NAD E . 16.89 2.41 26.03
C1B NAD E . 16.34 1.94 23.73
N9A NAD E . 17.48 2.52 22.99
C8A NAD E . 17.67 3.82 22.59
N7A NAD E . 18.87 3.89 21.97
C5A NAD E . 19.46 2.67 21.97
C6A NAD E . 20.68 2.19 21.49
N6A NAD E . 21.67 3.05 21.27
N1A NAD E . 20.98 0.85 21.67
C2A NAD E . 20.11 0.01 22.32
N3A NAD E . 18.90 0.50 22.79
C4A NAD E . 18.59 1.80 22.62
O3 NAD E . 9.74 3.24 23.87
PN NAD E . 8.54 2.27 23.42
O1N NAD E . 7.33 3.07 23.13
O2N NAD E . 8.45 1.10 24.31
O5D NAD E . 9.04 1.80 21.97
C5D NAD E . 9.71 0.58 21.72
C4D NAD E . 9.65 0.31 20.22
O4D NAD E . 8.29 0.29 19.79
C3D NAD E . 10.32 1.41 19.41
O3D NAD E . 10.83 0.83 18.23
C2D NAD E . 9.17 2.32 19.04
O2D NAD E . 9.49 3.09 17.91
C1D NAD E . 8.09 1.28 18.79
N1N NAD E . 6.71 1.82 18.80
C2N NAD E . 6.31 2.77 19.72
C3N NAD E . 5.00 3.25 19.70
C7N NAD E . 4.45 4.09 20.81
O7N NAD E . 3.30 4.87 20.54
N7N NAD E . 5.03 4.07 22.01
C4N NAD E . 4.10 2.76 18.77
C5N NAD E . 4.51 1.80 17.85
C6N NAD E . 5.82 1.34 17.89
CL1 713 F . 11.06 13.38 20.71
C17 713 F . 11.29 13.49 22.40
C19 713 F . 10.30 14.10 23.15
C20 713 F . 10.43 14.22 24.53
F21 713 F . 9.39 14.85 25.29
C22 713 F . 11.57 13.71 25.14
C23 713 F . 12.57 13.10 24.38
C16 713 F . 12.44 12.98 23.01
C15 713 F . 13.44 12.35 22.24
N14 713 F . 12.93 11.04 21.79
C13 713 F . 12.80 10.01 22.65
O24 713 F . 13.10 10.07 23.84
C12 713 F . 12.21 8.85 22.12
C25 713 F . 11.59 8.87 20.88
C26 713 F . 10.99 7.72 20.38
C11 713 F . 12.20 7.68 22.88
C10 713 F . 11.59 6.53 22.38
C9 713 F . 10.98 6.55 21.13
C8 713 F . 10.36 5.39 20.63
N4 713 F . 9.00 5.67 20.06
N3 713 F . 8.69 5.52 18.80
C2 713 F . 7.40 5.86 18.68
C1 713 F . 6.59 5.86 17.37
C7 713 F . 6.88 6.21 19.85
C5 713 F . 7.90 6.07 20.70
C6 713 F . 7.79 6.36 22.20
PA NAD G . 22.49 9.39 -12.52
O1A NAD G . 23.85 8.95 -12.10
O2A NAD G . 22.50 9.86 -13.92
O5B NAD G . 22.00 10.56 -11.53
C5B NAD G . 22.33 10.60 -10.16
C4B NAD G . 22.81 12.01 -9.85
O4B NAD G . 23.00 12.23 -8.46
C3B NAD G . 24.14 12.29 -10.52
O3B NAD G . 24.01 13.44 -11.34
C2B NAD G . 25.09 12.62 -9.40
O2B NAD G . 26.01 13.63 -9.75
C1B NAD G . 24.12 13.09 -8.33
N9A NAD G . 24.72 13.18 -6.98
C8A NAD G . 25.37 12.21 -6.26
N7A NAD G . 25.77 12.75 -5.07
C5A NAD G . 25.39 14.05 -5.02
C6A NAD G . 25.54 15.05 -4.07
N6A NAD G . 26.18 14.82 -2.92
N1A NAD G . 25.03 16.30 -4.33
C2A NAD G . 24.39 16.56 -5.52
N3A NAD G . 24.25 15.57 -6.46
C4A NAD G . 24.74 14.33 -6.22
O3 NAD G . 21.45 8.19 -12.26
PN NAD G . 19.91 8.27 -12.70
O1N NAD G . 19.40 6.90 -12.95
O2N NAD G . 19.73 9.32 -13.73
O5D NAD G . 19.21 8.74 -11.34
C5D NAD G . 18.57 9.97 -11.14
C4D NAD G . 17.47 9.75 -10.11
O4D NAD G . 16.53 8.83 -10.65
C3D NAD G . 17.99 9.11 -8.85
O3D NAD G . 17.24 9.56 -7.75
C2D NAD G . 17.68 7.64 -9.01
O2D NAD G . 17.57 7.01 -7.77
C1D NAD G . 16.36 7.73 -9.76
N1N NAD G . 15.97 6.50 -10.47
C2N NAD G . 16.79 5.93 -11.40
C3N NAD G . 16.39 4.77 -12.05
C7N NAD G . 17.33 4.02 -12.96
O7N NAD G . 17.01 2.67 -13.23
N7N NAD G . 18.40 4.61 -13.50
C4N NAD G . 15.14 4.22 -11.78
C5N NAD G . 14.31 4.82 -10.85
C6N NAD G . 14.73 5.96 -10.20
CL1 713 H . 26.39 0.32 -6.89
C17 713 H . 27.51 0.75 -8.09
C19 713 H . 27.73 -0.10 -9.17
C20 713 H . 28.66 0.24 -10.15
F21 713 H . 28.88 -0.64 -11.26
C22 713 H . 29.34 1.44 -10.06
C23 713 H . 29.12 2.30 -8.98
C16 713 H . 28.21 1.96 -7.99
C15 713 H . 27.95 2.81 -6.90
N14 713 H . 26.60 3.37 -7.08
C13 713 H . 26.39 4.44 -7.88
O24 713 H . 27.30 4.97 -8.53
C12 713 H . 25.08 4.85 -8.05
C25 713 H . 24.84 5.94 -8.87
C26 713 H . 23.54 6.38 -9.10
C11 713 H . 24.01 4.16 -7.48
C10 713 H . 22.71 4.59 -7.71
C9 713 H . 22.48 5.70 -8.52
C8 713 H . 21.18 6.15 -8.77
N4 713 H . 20.28 5.00 -9.03
N3 713 H . 19.29 4.80 -8.30
C2 713 H . 18.65 3.73 -8.74
C1 713 H . 17.39 3.16 -8.09
C7 713 H . 19.25 3.23 -9.81
C5 713 H . 20.28 4.05 -9.98
C6 713 H . 21.31 3.91 -11.12
PA NAD I . -23.12 11.52 -11.49
O1A NAD I . -24.38 11.01 -10.90
O2A NAD I . -23.28 12.92 -11.94
O5B NAD I . -22.69 10.56 -12.71
C5B NAD I . -22.94 9.17 -12.68
C4B NAD I . -23.40 8.78 -14.07
O4B NAD I . -23.66 7.40 -14.21
C3B NAD I . -24.69 9.51 -14.43
O3B NAD I . -24.45 10.44 -15.46
C2B NAD I . -25.63 8.44 -14.93
O2B NAD I . -26.25 8.84 -16.13
C1B NAD I . -24.69 7.27 -15.17
N9A NAD I . -25.36 5.95 -15.19
C8A NAD I . -25.98 5.30 -14.15
N7A NAD I . -26.45 4.12 -14.61
C5A NAD I . -26.14 4.00 -15.93
C6A NAD I . -26.37 3.01 -16.88
N6A NAD I . -27.05 1.90 -16.56
N1A NAD I . -25.91 3.18 -18.16
C2A NAD I . -25.23 4.33 -18.52
N3A NAD I . -25.00 5.31 -17.57
C4A NAD I . -25.45 5.15 -16.30
O3 NAD I . -21.89 11.34 -10.46
PN NAD I . -20.51 12.14 -10.65
O1N NAD I . -20.25 12.93 -9.42
O2N NAD I . -20.48 12.80 -11.97
O5D NAD I . -19.45 10.92 -10.67
C5D NAD I . -19.30 10.12 -11.81
C4D NAD I . -18.34 8.98 -11.50
O4D NAD I . -17.30 9.48 -10.67
C3D NAD I . -19.02 7.87 -10.73
O3D NAD I . -18.57 6.63 -11.21
C2D NAD I . -18.59 8.08 -9.30
O2D NAD I . -18.47 6.85 -8.63
C1D NAD I . -17.23 8.75 -9.45
N1N NAD I . -16.88 9.63 -8.31
C2N NAD I . -17.82 10.03 -7.40
C3N NAD I . -17.48 10.85 -6.33
C7N NAD I . -18.55 11.53 -5.54
O7N NAD I . -18.17 12.36 -4.46
N7N NAD I . -19.81 11.34 -5.87
C4N NAD I . -16.15 11.27 -6.19
C5N NAD I . -15.20 10.86 -7.12
C6N NAD I . -15.58 10.04 -8.18
PA NAD J . -12.63 -25.30 -2.57
O1A NAD J . -13.15 -25.52 -3.94
O2A NAD J . -12.08 -26.57 -2.01
O5B NAD J . -13.80 -24.72 -1.63
C5B NAD J . -14.64 -23.67 -2.02
C4B NAD J . -15.94 -23.83 -1.24
O4B NAD J . -16.96 -22.92 -1.63
C3B NAD J . -16.50 -25.24 -1.44
O3B NAD J . -16.50 -25.92 -0.22
C2B NAD J . -17.93 -25.03 -1.91
O2B NAD J . -18.81 -25.95 -1.31
C1B NAD J . -18.18 -23.61 -1.44
N9A NAD J . -19.38 -23.00 -2.06
C8A NAD J . -19.60 -22.71 -3.39
N7A NAD J . -20.83 -22.17 -3.50
C5A NAD J . -21.40 -22.12 -2.27
C6A NAD J . -22.65 -21.68 -1.81
N6A NAD J . -23.59 -21.33 -2.68
N1A NAD J . -22.95 -21.76 -0.46
C2A NAD J . -22.02 -22.29 0.42
N3A NAD J . -20.80 -22.72 -0.04
C4A NAD J . -20.49 -22.64 -1.36
O3 NAD J . -11.54 -24.11 -2.55
PN NAD J . -10.35 -24.05 -1.46
O1N NAD J . -9.06 -24.20 -2.17
O2N NAD J . -10.67 -24.92 -0.30
O5D NAD J . -10.45 -22.52 -0.95
C5D NAD J . -11.52 -22.11 -0.13
C4D NAD J . -11.50 -20.59 -0.05
O4D NAD J . -10.16 -20.16 0.12
C3D NAD J . -12.01 -19.99 -1.35
O3D NAD J . -12.82 -18.87 -1.06
C2D NAD J . -10.76 -19.54 -2.05
O2D NAD J . -11.01 -18.38 -2.81
C1D NAD J . -9.78 -19.27 -0.92
N1N NAD J . -8.37 -19.46 -1.31
C2N NAD J . -8.01 -20.46 -2.17
C3N NAD J . -6.68 -20.63 -2.55
C7N NAD J . -6.25 -21.88 -3.27
O7N NAD J . -4.91 -22.00 -3.71
N7N NAD J . -7.14 -22.85 -3.48
C4N NAD J . -5.71 -19.77 -2.04
C5N NAD J . -6.09 -18.75 -1.18
C6N NAD J . -7.43 -18.61 -0.82
#